data_6MWR
#
_entry.id   6MWR
#
_cell.length_a   88.390
_cell.length_b   88.390
_cell.length_c   257.150
_cell.angle_alpha   90.00
_cell.angle_beta   90.00
_cell.angle_gamma   90.00
#
_symmetry.space_group_name_H-M   'P 43 21 2'
#
loop_
_entity.id
_entity.type
_entity.pdbx_description
1 polymer 'Major histocompatibility complex class I-related gene protein'
2 polymer Beta-2-microglobulin
3 polymer 'G7 Gamma chain T cell receptor'
4 polymer 'Delta chain of T cell receptor'
5 non-polymer 1-deoxy-1-({2,6-dioxo-5-[(E)-propylideneamino]-1,2,3,6-tetrahydropyrimidin-4-yl}amino)-D-ribitol
6 non-polymer 2-acetamido-2-deoxy-beta-D-glucopyranose
7 water water
#
loop_
_entity_poly.entity_id
_entity_poly.type
_entity_poly.pdbx_seq_one_letter_code
_entity_poly.pdbx_strand_id
1 'polypeptide(L)'
;MRTHSLRYFRLGVSDPIHGVPEFISVGYVDSHPITTYDSVTRQKEPRAPWMAENLAPDHWERYTQLLRGWQQMFKVELKR
LQRHYNHSGSHTYQRMIGCELLEDGSTTGFLQYAYDGQDFLIFNKDTLSWLAVDNVAHTIKQAWEANQHELLYQKNWLEE
ECIAWLKRFLEYGKDTLQRTEPPLVRVNRKETFPGVTALFCKAHGFYPPEIYMTWMKNGEEIVQEIDYGDILPSGDGTYQ
AWASIELDPQSSNLYSCHVEHSGVHMVLQVP
;
A
2 'polypeptide(L)'
;IQRTPKIQVYSRHPAENGKSNFLNCYVSGFHPSDIEVDLLKNGERIEKVEHSDLSFSKDWSFYLLYYTEFTPTEKDEYAC
RVNHVTLSQPKIVKWDRDM
;
B
3 'polypeptide(L)'
;AGHLEQPQISSTKTLSKTARLECVVSGITISATSVYWYRERPGEVIQFLVSISYDGTVRKESGIPSGKFEVDRIPETSTS
TLTIHNVEKQDIATYYCALWDRYYKKLFGSGTTLVVTDKQLDADVSPKPTIFLPSIAETKLQKAGTYLCLLEKFFPDVIK
IHWQEKKSNTILGSQEGNTMKTNDTYMKFSWLTVPEESLDKEHRCIVRHENNKNGVDQEIIFPPIKTDVITMDPKDNASG
LVPR
;
C
4 'polypeptide(L)'
;AQKVTQAQSSVSMPVRKAVTLNCLYETSWWSYYIFWYKQLPSKEMIFLIRQGSDEQNAKSGRYSVNFKKAAKSVALTISA
LQLEDSAKYFCALGVRAFLRDWGIRVLIFGKGTRVTVEPRSQPHTKPSVFVMKNGTNVACLVKEFYPKDIRINLVSSKKI
TEFDPAIVISPSGKYNAVKLGKYEDSNSVTCSVQHDNKTVHSTDFEVKTDSTDHVKPKETENTKQPSKSASGLVPR
;
D
#
# COMPACT_ATOMS: atom_id res chain seq x y z
N THR A 3 -14.38 7.82 -11.04
CA THR A 3 -14.57 6.38 -11.15
C THR A 3 -16.07 6.03 -11.14
N HIS A 4 -16.50 5.15 -12.06
CA HIS A 4 -17.89 4.71 -12.19
C HIS A 4 -18.00 3.20 -11.98
N SER A 5 -19.11 2.75 -11.36
CA SER A 5 -19.33 1.33 -11.07
C SER A 5 -20.76 0.82 -11.31
N LEU A 6 -20.88 -0.47 -11.65
CA LEU A 6 -22.14 -1.18 -11.88
C LEU A 6 -22.09 -2.49 -11.08
N ARG A 7 -22.94 -2.60 -10.04
CA ARG A 7 -22.99 -3.78 -9.18
C ARG A 7 -24.41 -4.31 -8.98
N TYR A 8 -24.57 -5.63 -9.12
CA TYR A 8 -25.84 -6.33 -8.95
C TYR A 8 -25.78 -7.26 -7.74
N PHE A 9 -26.68 -7.04 -6.78
CA PHE A 9 -26.76 -7.81 -5.53
C PHE A 9 -27.93 -8.78 -5.52
N ARG A 10 -27.80 -9.86 -4.72
CA ARG A 10 -28.82 -10.90 -4.52
C ARG A 10 -28.86 -11.34 -3.06
N LEU A 11 -30.07 -11.39 -2.47
CA LEU A 11 -30.29 -11.79 -1.08
C LEU A 11 -31.13 -13.07 -1.03
N GLY A 12 -30.79 -13.97 -0.10
CA GLY A 12 -31.49 -15.24 0.06
C GLY A 12 -31.74 -15.65 1.49
N VAL A 13 -32.86 -15.19 2.06
CA VAL A 13 -33.29 -15.50 3.43
C VAL A 13 -34.06 -16.83 3.39
N SER A 14 -33.66 -17.80 4.25
CA SER A 14 -34.25 -19.15 4.34
C SER A 14 -35.75 -19.13 4.65
N ASP A 15 -36.14 -18.61 5.83
CA ASP A 15 -37.53 -18.52 6.26
C ASP A 15 -37.93 -17.05 6.52
N PRO A 16 -39.06 -16.57 5.96
CA PRO A 16 -39.44 -15.17 6.18
C PRO A 16 -40.24 -14.91 7.45
N ILE A 17 -40.11 -13.69 7.99
CA ILE A 17 -40.80 -13.21 9.19
C ILE A 17 -41.69 -12.02 8.81
N HIS A 18 -41.58 -10.88 9.53
CA HIS A 18 -42.35 -9.67 9.22
C HIS A 18 -41.67 -8.87 8.09
N GLY A 19 -40.38 -9.15 7.87
CA GLY A 19 -39.56 -8.53 6.84
C GLY A 19 -39.45 -9.36 5.58
N VAL A 20 -40.60 -9.62 4.93
CA VAL A 20 -40.75 -10.38 3.68
C VAL A 20 -40.11 -9.59 2.51
N PRO A 21 -39.59 -10.21 1.42
CA PRO A 21 -39.60 -11.63 1.05
C PRO A 21 -38.29 -12.40 1.29
N GLU A 22 -38.15 -13.58 0.65
CA GLU A 22 -37.00 -14.48 0.73
C GLU A 22 -35.89 -14.09 -0.25
N PHE A 23 -36.24 -13.75 -1.51
CA PHE A 23 -35.28 -13.36 -2.54
C PHE A 23 -35.46 -11.92 -2.99
N ILE A 24 -34.40 -11.09 -2.81
CA ILE A 24 -34.36 -9.67 -3.19
C ILE A 24 -33.13 -9.44 -4.08
N SER A 25 -33.32 -8.83 -5.25
CA SER A 25 -32.23 -8.53 -6.17
C SER A 25 -32.29 -7.08 -6.67
N VAL A 26 -31.39 -6.23 -6.15
CA VAL A 26 -31.32 -4.79 -6.46
C VAL A 26 -29.95 -4.44 -7.09
N GLY A 27 -29.99 -3.74 -8.23
CA GLY A 27 -28.82 -3.27 -8.95
C GLY A 27 -28.49 -1.83 -8.64
N TYR A 28 -27.20 -1.47 -8.77
CA TYR A 28 -26.70 -0.12 -8.46
C TYR A 28 -25.74 0.43 -9.51
N VAL A 29 -25.80 1.75 -9.71
CA VAL A 29 -24.91 2.52 -10.58
C VAL A 29 -24.28 3.57 -9.66
N ASP A 30 -23.03 3.30 -9.23
CA ASP A 30 -22.21 4.10 -8.31
C ASP A 30 -22.76 4.14 -6.88
N SER A 31 -23.99 4.69 -6.68
CA SER A 31 -24.63 4.81 -5.36
C SER A 31 -26.16 4.78 -5.45
N HIS A 32 -26.72 5.05 -6.64
CA HIS A 32 -28.16 5.10 -6.88
C HIS A 32 -28.75 3.75 -7.34
N PRO A 33 -29.90 3.32 -6.77
CA PRO A 33 -30.52 2.06 -7.23
C PRO A 33 -31.15 2.23 -8.60
N ILE A 34 -31.02 1.21 -9.46
CA ILE A 34 -31.53 1.22 -10.82
C ILE A 34 -32.58 0.14 -11.07
N THR A 35 -32.31 -1.10 -10.63
CA THR A 35 -33.20 -2.24 -10.81
C THR A 35 -33.76 -2.72 -9.48
N THR A 36 -35.02 -3.20 -9.47
CA THR A 36 -35.69 -3.70 -8.28
C THR A 36 -36.41 -5.02 -8.59
N TYR A 37 -36.12 -6.06 -7.79
CA TYR A 37 -36.74 -7.39 -7.92
C TYR A 37 -36.93 -8.03 -6.56
N ASP A 38 -38.14 -8.57 -6.30
CA ASP A 38 -38.50 -9.23 -5.04
C ASP A 38 -39.39 -10.45 -5.28
N SER A 39 -39.38 -11.40 -4.32
CA SER A 39 -40.17 -12.63 -4.38
C SER A 39 -41.69 -12.40 -4.23
N VAL A 40 -42.11 -11.23 -3.71
CA VAL A 40 -43.53 -10.84 -3.54
C VAL A 40 -44.13 -10.62 -4.93
N THR A 41 -43.55 -9.68 -5.71
CA THR A 41 -43.96 -9.38 -7.09
C THR A 41 -42.80 -9.74 -8.01
N ARG A 42 -42.85 -10.94 -8.60
CA ARG A 42 -41.82 -11.50 -9.48
C ARG A 42 -41.76 -10.78 -10.84
N GLN A 43 -41.30 -9.52 -10.82
CA GLN A 43 -41.14 -8.65 -11.99
C GLN A 43 -40.04 -7.62 -11.76
N LYS A 44 -39.23 -7.35 -12.79
CA LYS A 44 -38.15 -6.37 -12.74
C LYS A 44 -38.75 -4.97 -12.84
N GLU A 45 -38.59 -4.17 -11.77
CA GLU A 45 -39.14 -2.81 -11.66
C GLU A 45 -38.02 -1.75 -11.66
N PRO A 46 -38.24 -0.56 -12.27
CA PRO A 46 -37.18 0.47 -12.23
C PRO A 46 -37.14 1.21 -10.89
N ARG A 47 -35.96 1.70 -10.50
CA ARG A 47 -35.76 2.42 -9.25
C ARG A 47 -35.40 3.90 -9.46
N ALA A 48 -34.91 4.24 -10.67
CA ALA A 48 -34.53 5.60 -11.05
C ALA A 48 -35.48 6.18 -12.11
N PRO A 49 -35.75 7.52 -12.10
CA PRO A 49 -36.67 8.07 -13.13
C PRO A 49 -36.13 7.94 -14.56
N TRP A 50 -34.79 8.07 -14.72
CA TRP A 50 -34.09 7.93 -16.01
C TRP A 50 -33.97 6.47 -16.44
N MET A 51 -34.12 5.53 -15.51
CA MET A 51 -34.05 4.09 -15.77
C MET A 51 -35.33 3.59 -16.44
N ALA A 52 -36.49 4.15 -16.04
CA ALA A 52 -37.81 3.81 -16.60
C ALA A 52 -37.87 4.16 -18.10
N GLU A 53 -37.25 5.29 -18.47
CA GLU A 53 -37.13 5.75 -19.86
C GLU A 53 -35.84 5.19 -20.47
N ASN A 54 -35.62 5.39 -21.79
CA ASN A 54 -34.46 4.93 -22.57
C ASN A 54 -34.33 3.39 -22.68
N LEU A 55 -35.19 2.63 -21.98
CA LEU A 55 -35.19 1.16 -22.01
C LEU A 55 -36.54 0.61 -22.44
N ALA A 56 -36.55 -0.23 -23.48
CA ALA A 56 -37.73 -0.88 -24.06
C ALA A 56 -38.41 -1.86 -23.08
N PRO A 57 -39.75 -2.12 -23.21
CA PRO A 57 -40.40 -3.07 -22.28
C PRO A 57 -39.92 -4.52 -22.42
N ASP A 58 -39.33 -4.87 -23.59
CA ASP A 58 -38.78 -6.19 -23.89
C ASP A 58 -37.57 -6.52 -23.01
N HIS A 59 -36.75 -5.50 -22.68
CA HIS A 59 -35.57 -5.64 -21.81
C HIS A 59 -36.01 -5.95 -20.38
N TRP A 60 -37.08 -5.28 -19.90
CA TRP A 60 -37.64 -5.48 -18.56
C TRP A 60 -38.27 -6.86 -18.42
N GLU A 61 -38.93 -7.35 -19.49
CA GLU A 61 -39.58 -8.66 -19.54
C GLU A 61 -38.56 -9.81 -19.66
N ARG A 62 -37.48 -9.61 -20.44
CA ARG A 62 -36.42 -10.61 -20.66
C ARG A 62 -35.72 -10.97 -19.36
N TYR A 63 -35.26 -9.96 -18.61
CA TYR A 63 -34.56 -10.15 -17.34
C TYR A 63 -35.48 -10.60 -16.19
N THR A 64 -36.82 -10.44 -16.35
CA THR A 64 -37.81 -10.89 -15.36
C THR A 64 -37.78 -12.42 -15.30
N GLN A 65 -37.85 -13.09 -16.47
CA GLN A 65 -37.79 -14.55 -16.61
C GLN A 65 -36.43 -15.08 -16.19
N LEU A 66 -35.36 -14.28 -16.39
CA LEU A 66 -33.99 -14.61 -15.98
C LEU A 66 -33.89 -14.55 -14.46
N LEU A 67 -34.50 -13.52 -13.83
CA LEU A 67 -34.53 -13.34 -12.38
C LEU A 67 -35.40 -14.41 -11.71
N ARG A 68 -36.49 -14.85 -12.37
CA ARG A 68 -37.39 -15.90 -11.91
C ARG A 68 -36.63 -17.25 -11.85
N GLY A 69 -35.67 -17.41 -12.76
CA GLY A 69 -34.80 -18.58 -12.84
C GLY A 69 -33.72 -18.55 -11.78
N TRP A 70 -33.15 -17.34 -11.50
CA TRP A 70 -32.12 -17.14 -10.48
C TRP A 70 -32.69 -17.27 -9.07
N GLN A 71 -33.99 -16.95 -8.90
CA GLN A 71 -34.73 -17.06 -7.64
C GLN A 71 -34.92 -18.56 -7.32
N GLN A 72 -35.20 -19.38 -8.37
CA GLN A 72 -35.36 -20.83 -8.27
C GLN A 72 -34.02 -21.50 -7.98
N MET A 73 -32.92 -20.96 -8.55
CA MET A 73 -31.56 -21.46 -8.37
C MET A 73 -31.06 -21.16 -6.95
N PHE A 74 -31.48 -20.01 -6.39
CA PHE A 74 -31.12 -19.57 -5.05
C PHE A 74 -31.72 -20.43 -3.95
N LYS A 75 -32.93 -20.98 -4.19
CA LYS A 75 -33.62 -21.87 -3.25
C LYS A 75 -32.91 -23.24 -3.23
N VAL A 76 -32.40 -23.68 -4.40
CA VAL A 76 -31.65 -24.93 -4.59
C VAL A 76 -30.29 -24.83 -3.86
N GLU A 77 -29.59 -23.68 -4.02
CA GLU A 77 -28.30 -23.39 -3.38
C GLU A 77 -28.44 -23.26 -1.86
N LEU A 78 -29.64 -22.84 -1.39
CA LEU A 78 -29.97 -22.68 0.04
C LEU A 78 -30.15 -24.05 0.68
N LYS A 79 -30.88 -24.96 0.01
CA LYS A 79 -31.15 -26.33 0.46
C LYS A 79 -29.85 -27.16 0.45
N ARG A 80 -28.97 -26.91 -0.54
CA ARG A 80 -27.67 -27.58 -0.68
C ARG A 80 -26.72 -27.13 0.43
N LEU A 81 -26.81 -25.86 0.86
CA LEU A 81 -26.01 -25.29 1.95
C LEU A 81 -26.46 -25.86 3.29
N GLN A 82 -27.78 -26.11 3.44
CA GLN A 82 -28.38 -26.69 4.64
C GLN A 82 -28.08 -28.20 4.72
N ARG A 83 -27.79 -28.83 3.57
CA ARG A 83 -27.45 -30.25 3.46
C ARG A 83 -25.99 -30.50 3.83
N HIS A 84 -25.07 -29.62 3.36
CA HIS A 84 -23.63 -29.71 3.64
C HIS A 84 -23.33 -29.29 5.08
N TYR A 85 -23.72 -28.05 5.47
CA TYR A 85 -23.52 -27.52 6.82
C TYR A 85 -24.55 -28.12 7.79
N ASN A 86 -24.28 -28.04 9.10
CA ASN A 86 -25.17 -28.53 10.15
C ASN A 86 -26.27 -27.50 10.51
N HIS A 87 -26.22 -26.31 9.88
CA HIS A 87 -27.15 -25.21 10.08
C HIS A 87 -28.55 -25.51 9.54
N SER A 88 -29.58 -25.26 10.36
CA SER A 88 -30.99 -25.49 10.02
C SER A 88 -31.89 -24.47 10.72
N GLY A 89 -32.68 -23.73 9.93
CA GLY A 89 -33.60 -22.71 10.41
C GLY A 89 -33.72 -21.55 9.47
N SER A 90 -33.23 -20.36 9.89
CA SER A 90 -33.26 -19.14 9.08
C SER A 90 -31.84 -18.58 8.93
N HIS A 91 -31.33 -18.59 7.69
CA HIS A 91 -29.99 -18.11 7.34
C HIS A 91 -30.00 -17.21 6.10
N THR A 92 -28.83 -16.61 5.77
CA THR A 92 -28.70 -15.70 4.63
C THR A 92 -27.64 -16.16 3.62
N TYR A 93 -28.00 -16.12 2.32
CA TYR A 93 -27.16 -16.48 1.19
C TYR A 93 -27.08 -15.26 0.25
N GLN A 94 -25.86 -14.72 0.07
CA GLN A 94 -25.65 -13.51 -0.74
C GLN A 94 -24.82 -13.74 -1.99
N ARG A 95 -24.99 -12.86 -2.99
CA ARG A 95 -24.27 -12.87 -4.26
C ARG A 95 -24.00 -11.44 -4.72
N MET A 96 -22.83 -11.20 -5.33
CA MET A 96 -22.42 -9.88 -5.80
C MET A 96 -21.59 -9.96 -7.07
N ILE A 97 -22.14 -9.45 -8.18
CA ILE A 97 -21.46 -9.35 -9.47
C ILE A 97 -21.33 -7.86 -9.83
N GLY A 98 -20.13 -7.44 -10.24
CA GLY A 98 -19.91 -6.04 -10.55
C GLY A 98 -18.65 -5.68 -11.31
N CYS A 99 -18.58 -4.39 -11.72
CA CYS A 99 -17.47 -3.80 -12.48
C CYS A 99 -17.11 -2.41 -11.96
N GLU A 100 -15.87 -1.96 -12.22
CA GLU A 100 -15.37 -0.65 -11.84
C GLU A 100 -14.58 -0.03 -13.01
N LEU A 101 -15.29 0.72 -13.88
CA LEU A 101 -14.69 1.39 -15.03
C LEU A 101 -14.06 2.70 -14.56
N LEU A 102 -12.71 2.73 -14.52
CA LEU A 102 -11.92 3.87 -14.08
C LEU A 102 -12.00 5.05 -15.06
N GLU A 103 -11.79 6.28 -14.55
CA GLU A 103 -11.82 7.51 -15.35
C GLU A 103 -10.74 7.59 -16.43
N ASP A 104 -9.65 6.81 -16.29
CA ASP A 104 -8.55 6.74 -17.26
C ASP A 104 -8.84 5.70 -18.36
N GLY A 105 -9.52 4.61 -17.98
CA GLY A 105 -9.89 3.53 -18.90
C GLY A 105 -9.47 2.13 -18.45
N SER A 106 -9.18 1.95 -17.15
CA SER A 106 -8.77 0.66 -16.58
C SER A 106 -9.98 -0.24 -16.30
N THR A 107 -9.87 -1.53 -16.64
CA THR A 107 -10.93 -2.53 -16.47
C THR A 107 -10.69 -3.40 -15.23
N THR A 108 -11.74 -3.55 -14.38
CA THR A 108 -11.73 -4.36 -13.16
C THR A 108 -13.09 -5.07 -12.96
N GLY A 109 -13.06 -6.40 -13.05
CA GLY A 109 -14.24 -7.24 -12.90
C GLY A 109 -14.21 -8.13 -11.67
N PHE A 110 -15.39 -8.39 -11.06
CA PHE A 110 -15.49 -9.19 -9.84
C PHE A 110 -16.84 -9.90 -9.66
N LEU A 111 -16.79 -11.12 -9.10
CA LEU A 111 -17.94 -11.98 -8.79
C LEU A 111 -17.69 -12.64 -7.42
N GLN A 112 -18.67 -12.56 -6.51
CA GLN A 112 -18.56 -13.09 -5.16
C GLN A 112 -19.85 -13.73 -4.64
N TYR A 113 -19.69 -14.74 -3.77
CA TYR A 113 -20.77 -15.47 -3.10
C TYR A 113 -20.52 -15.42 -1.58
N ALA A 114 -21.58 -15.21 -0.79
CA ALA A 114 -21.48 -15.11 0.66
C ALA A 114 -22.51 -15.93 1.43
N TYR A 115 -22.11 -16.39 2.63
CA TYR A 115 -22.94 -17.16 3.55
C TYR A 115 -22.89 -16.49 4.92
N ASP A 116 -24.05 -15.95 5.36
CA ASP A 116 -24.25 -15.23 6.63
C ASP A 116 -23.31 -14.00 6.80
N GLY A 117 -23.18 -13.24 5.71
CA GLY A 117 -22.36 -12.03 5.66
C GLY A 117 -20.86 -12.27 5.73
N GLN A 118 -20.42 -13.49 5.39
CA GLN A 118 -19.01 -13.89 5.40
C GLN A 118 -18.61 -14.39 4.01
N ASP A 119 -17.36 -14.10 3.58
CA ASP A 119 -16.82 -14.51 2.28
C ASP A 119 -16.80 -16.04 2.14
N PHE A 120 -17.78 -16.57 1.38
CA PHE A 120 -17.95 -18.00 1.13
C PHE A 120 -17.13 -18.47 -0.07
N LEU A 121 -17.33 -17.85 -1.25
CA LEU A 121 -16.61 -18.17 -2.48
C LEU A 121 -16.33 -16.91 -3.30
N ILE A 122 -15.05 -16.70 -3.65
CA ILE A 122 -14.57 -15.56 -4.44
C ILE A 122 -14.08 -16.08 -5.79
N PHE A 123 -14.50 -15.43 -6.90
CA PHE A 123 -14.12 -15.84 -8.25
C PHE A 123 -12.87 -15.12 -8.77
N ASN A 124 -11.99 -15.88 -9.44
CA ASN A 124 -10.76 -15.39 -10.07
C ASN A 124 -10.87 -15.68 -11.58
N LYS A 125 -11.09 -14.61 -12.37
CA LYS A 125 -11.26 -14.66 -13.82
C LYS A 125 -9.99 -15.09 -14.58
N ASP A 126 -8.80 -14.69 -14.11
CA ASP A 126 -7.51 -14.99 -14.72
C ASP A 126 -7.16 -16.48 -14.69
N THR A 127 -7.53 -17.19 -13.60
CA THR A 127 -7.28 -18.62 -13.41
C THR A 127 -8.50 -19.49 -13.76
N LEU A 128 -9.68 -18.86 -13.89
CA LEU A 128 -10.99 -19.48 -14.18
C LEU A 128 -11.39 -20.54 -13.14
N SER A 129 -11.13 -20.24 -11.86
CA SER A 129 -11.44 -21.12 -10.73
C SER A 129 -11.90 -20.33 -9.50
N TRP A 130 -12.69 -20.98 -8.63
CA TRP A 130 -13.23 -20.41 -7.40
C TRP A 130 -12.24 -20.53 -6.23
N LEU A 131 -12.38 -19.64 -5.23
CA LEU A 131 -11.53 -19.62 -4.04
C LEU A 131 -12.34 -20.04 -2.80
N ALA A 132 -12.12 -21.28 -2.33
CA ALA A 132 -12.80 -21.85 -1.17
C ALA A 132 -12.26 -21.28 0.14
N VAL A 133 -13.16 -21.01 1.10
CA VAL A 133 -12.82 -20.44 2.40
C VAL A 133 -12.38 -21.56 3.40
N ASP A 134 -13.04 -22.74 3.35
CA ASP A 134 -12.72 -23.89 4.22
C ASP A 134 -13.03 -25.25 3.55
N ASN A 135 -13.02 -26.35 4.34
CA ASN A 135 -13.29 -27.72 3.90
C ASN A 135 -14.71 -27.91 3.33
N VAL A 136 -15.70 -27.21 3.93
CA VAL A 136 -17.10 -27.26 3.49
C VAL A 136 -17.27 -26.53 2.16
N ALA A 137 -16.56 -25.39 1.98
CA ALA A 137 -16.58 -24.58 0.76
C ALA A 137 -15.90 -25.28 -0.42
N HIS A 138 -14.95 -26.20 -0.12
CA HIS A 138 -14.19 -26.99 -1.10
C HIS A 138 -15.07 -27.94 -1.93
N THR A 139 -16.16 -28.47 -1.33
CA THR A 139 -17.10 -29.39 -2.00
C THR A 139 -17.93 -28.68 -3.08
N ILE A 140 -18.42 -27.46 -2.78
CA ILE A 140 -19.21 -26.63 -3.69
C ILE A 140 -18.29 -26.07 -4.80
N LYS A 141 -17.01 -25.81 -4.45
CA LYS A 141 -15.96 -25.34 -5.36
C LYS A 141 -15.78 -26.36 -6.51
N GLN A 142 -15.68 -27.66 -6.15
CA GLN A 142 -15.52 -28.78 -7.09
C GLN A 142 -16.79 -28.99 -7.93
N ALA A 143 -17.98 -28.73 -7.33
CA ALA A 143 -19.29 -28.87 -7.99
C ALA A 143 -19.47 -27.83 -9.11
N TRP A 144 -19.00 -26.59 -8.88
CA TRP A 144 -19.09 -25.49 -9.84
C TRP A 144 -17.96 -25.52 -10.86
N GLU A 145 -16.75 -25.99 -10.46
CA GLU A 145 -15.56 -26.08 -11.32
C GLU A 145 -15.71 -27.09 -12.47
N ALA A 146 -16.61 -28.09 -12.30
CA ALA A 146 -16.88 -29.12 -13.30
C ALA A 146 -17.38 -28.51 -14.61
N ASN A 147 -18.48 -27.72 -14.55
CA ASN A 147 -19.07 -27.05 -15.70
C ASN A 147 -18.17 -25.88 -16.15
N GLN A 148 -17.20 -26.19 -17.05
CA GLN A 148 -16.21 -25.26 -17.59
C GLN A 148 -16.83 -24.11 -18.37
N HIS A 149 -17.84 -24.39 -19.22
CA HIS A 149 -18.54 -23.40 -20.04
C HIS A 149 -19.37 -22.40 -19.22
N GLU A 150 -19.81 -22.81 -18.01
CA GLU A 150 -20.57 -21.96 -17.09
C GLU A 150 -19.64 -20.90 -16.49
N LEU A 151 -18.41 -21.30 -16.12
CA LEU A 151 -17.39 -20.41 -15.55
C LEU A 151 -16.84 -19.45 -16.61
N LEU A 152 -16.72 -19.93 -17.87
CA LEU A 152 -16.24 -19.14 -19.00
C LEU A 152 -17.22 -18.03 -19.36
N TYR A 153 -18.54 -18.26 -19.15
CA TYR A 153 -19.61 -17.29 -19.38
C TYR A 153 -19.50 -16.14 -18.38
N GLN A 154 -19.19 -16.46 -17.10
CA GLN A 154 -19.01 -15.49 -16.01
C GLN A 154 -17.81 -14.57 -16.31
N LYS A 155 -16.71 -15.15 -16.83
CA LYS A 155 -15.49 -14.43 -17.21
C LYS A 155 -15.77 -13.51 -18.40
N ASN A 156 -16.46 -14.04 -19.44
CA ASN A 156 -16.83 -13.31 -20.66
C ASN A 156 -17.79 -12.16 -20.39
N TRP A 157 -18.73 -12.34 -19.44
CA TRP A 157 -19.72 -11.32 -19.07
C TRP A 157 -19.06 -10.11 -18.39
N LEU A 158 -18.17 -10.36 -17.42
CA LEU A 158 -17.45 -9.33 -16.66
C LEU A 158 -16.52 -8.46 -17.51
N GLU A 159 -15.92 -9.06 -18.55
CA GLU A 159 -14.95 -8.39 -19.43
C GLU A 159 -15.59 -7.43 -20.46
N GLU A 160 -16.37 -7.95 -21.44
CA GLU A 160 -16.95 -7.14 -22.51
C GLU A 160 -18.40 -6.69 -22.28
N GLU A 161 -19.31 -7.60 -21.86
CA GLU A 161 -20.74 -7.29 -21.67
C GLU A 161 -21.00 -6.30 -20.52
N CYS A 162 -20.31 -6.44 -19.39
CA CYS A 162 -20.45 -5.60 -18.19
C CYS A 162 -20.00 -4.15 -18.40
N ILE A 163 -18.87 -3.94 -19.09
CA ILE A 163 -18.33 -2.61 -19.39
C ILE A 163 -19.29 -1.88 -20.33
N ALA A 164 -19.84 -2.62 -21.33
CA ALA A 164 -20.81 -2.12 -22.31
C ALA A 164 -22.15 -1.78 -21.64
N TRP A 165 -22.54 -2.55 -20.60
CA TRP A 165 -23.78 -2.32 -19.84
C TRP A 165 -23.68 -1.07 -18.98
N LEU A 166 -22.52 -0.87 -18.32
CA LEU A 166 -22.25 0.29 -17.45
C LEU A 166 -22.15 1.58 -18.28
N LYS A 167 -21.43 1.53 -19.43
CA LYS A 167 -21.26 2.67 -20.32
C LYS A 167 -22.60 3.13 -20.93
N ARG A 168 -23.54 2.19 -21.12
CA ARG A 168 -24.87 2.46 -21.65
C ARG A 168 -25.75 3.17 -20.61
N PHE A 169 -25.62 2.79 -19.32
CA PHE A 169 -26.38 3.39 -18.21
C PHE A 169 -25.91 4.79 -17.85
N LEU A 170 -24.59 5.05 -17.94
CA LEU A 170 -23.99 6.36 -17.65
C LEU A 170 -24.46 7.43 -18.64
N GLU A 171 -24.65 7.04 -19.92
CA GLU A 171 -25.16 7.90 -20.99
C GLU A 171 -26.66 8.15 -20.76
N TYR A 172 -27.38 7.14 -20.24
CA TYR A 172 -28.82 7.22 -19.94
C TYR A 172 -29.12 8.14 -18.75
N GLY A 173 -28.16 8.29 -17.85
CA GLY A 173 -28.29 9.12 -16.66
C GLY A 173 -27.37 10.32 -16.62
N LYS A 174 -27.86 11.48 -17.10
CA LYS A 174 -27.12 12.76 -17.12
C LYS A 174 -27.02 13.32 -15.70
N ASP A 175 -28.03 13.03 -14.85
CA ASP A 175 -28.12 13.45 -13.44
C ASP A 175 -27.20 12.62 -12.51
N THR A 176 -26.12 12.08 -13.07
CA THR A 176 -25.10 11.28 -12.38
C THR A 176 -23.74 11.93 -12.66
N LEU A 177 -23.51 12.33 -13.92
CA LEU A 177 -22.28 12.96 -14.42
C LEU A 177 -22.16 14.39 -13.92
N GLN A 178 -23.29 15.06 -13.64
CA GLN A 178 -23.35 16.46 -13.17
C GLN A 178 -22.71 16.67 -11.80
N ARG A 179 -21.95 17.76 -11.69
CA ARG A 179 -21.29 18.22 -10.46
C ARG A 179 -21.97 19.52 -10.03
N THR A 180 -23.22 19.73 -10.53
CA THR A 180 -24.07 20.91 -10.29
C THR A 180 -24.68 20.89 -8.87
N GLU A 181 -23.82 20.72 -7.85
CA GLU A 181 -24.17 20.71 -6.42
C GLU A 181 -22.92 21.01 -5.55
N PRO A 182 -22.51 22.29 -5.43
CA PRO A 182 -21.32 22.59 -4.60
C PRO A 182 -21.62 22.56 -3.10
N PRO A 183 -20.64 22.17 -2.24
CA PRO A 183 -20.91 22.13 -0.79
C PRO A 183 -21.05 23.50 -0.13
N LEU A 184 -21.64 23.52 1.08
CA LEU A 184 -21.81 24.72 1.88
C LEU A 184 -20.97 24.57 3.16
N VAL A 185 -19.69 24.95 3.06
CA VAL A 185 -18.75 24.85 4.18
C VAL A 185 -18.94 25.99 5.17
N ARG A 186 -19.34 25.66 6.41
CA ARG A 186 -19.58 26.60 7.50
C ARG A 186 -18.95 26.09 8.79
N VAL A 187 -18.08 26.91 9.42
CA VAL A 187 -17.38 26.57 10.65
C VAL A 187 -18.20 27.00 11.88
N ASN A 188 -18.44 26.05 12.82
CA ASN A 188 -19.21 26.29 14.04
C ASN A 188 -18.49 25.76 15.28
N ARG A 189 -18.50 26.54 16.38
CA ARG A 189 -17.90 26.16 17.66
C ARG A 189 -18.89 25.34 18.47
N LYS A 190 -18.52 24.08 18.79
CA LYS A 190 -19.37 23.14 19.52
C LYS A 190 -18.76 22.69 20.85
N GLU A 191 -19.63 22.21 21.77
CA GLU A 191 -19.26 21.71 23.11
C GLU A 191 -20.20 20.60 23.56
N THR A 192 -19.63 19.54 24.18
CA THR A 192 -20.37 18.38 24.69
C THR A 192 -20.51 18.44 26.21
N PHE A 193 -19.39 18.68 26.92
CA PHE A 193 -19.33 18.78 28.38
C PHE A 193 -18.56 20.04 28.81
N PRO A 194 -18.88 20.68 29.95
CA PRO A 194 -18.11 21.88 30.35
C PRO A 194 -16.79 21.53 31.04
N GLY A 195 -15.65 21.96 30.48
CA GLY A 195 -15.54 22.75 29.25
C GLY A 195 -14.67 22.12 28.19
N VAL A 196 -15.15 22.14 26.93
CA VAL A 196 -14.45 21.58 25.76
C VAL A 196 -14.65 22.49 24.52
N THR A 197 -13.58 22.68 23.72
CA THR A 197 -13.60 23.52 22.51
C THR A 197 -13.15 22.74 21.27
N ALA A 198 -13.95 22.83 20.18
CA ALA A 198 -13.69 22.15 18.91
C ALA A 198 -14.23 22.92 17.69
N LEU A 199 -13.43 22.98 16.61
CA LEU A 199 -13.80 23.64 15.35
C LEU A 199 -14.41 22.66 14.36
N PHE A 200 -15.75 22.68 14.24
CA PHE A 200 -16.50 21.81 13.34
C PHE A 200 -16.65 22.44 11.96
N CYS A 201 -15.93 21.90 10.95
CA CYS A 201 -16.02 22.37 9.56
C CYS A 201 -17.10 21.54 8.87
N LYS A 202 -18.36 22.00 9.00
CA LYS A 202 -19.53 21.30 8.45
C LYS A 202 -19.87 21.73 7.02
N ALA A 203 -19.86 20.75 6.09
CA ALA A 203 -20.18 20.95 4.68
C ALA A 203 -21.41 20.12 4.31
N HIS A 204 -22.41 20.75 3.67
CA HIS A 204 -23.66 20.10 3.28
C HIS A 204 -24.15 20.51 1.88
N GLY A 205 -25.04 19.69 1.31
CA GLY A 205 -25.64 19.91 0.01
C GLY A 205 -24.69 19.72 -1.16
N PHE A 206 -23.86 18.66 -1.11
CA PHE A 206 -22.90 18.36 -2.17
C PHE A 206 -23.18 17.05 -2.88
N TYR A 207 -22.77 17.00 -4.16
CA TYR A 207 -22.88 15.84 -5.05
C TYR A 207 -21.79 15.98 -6.14
N PRO A 208 -21.01 14.93 -6.47
CA PRO A 208 -21.03 13.53 -5.96
C PRO A 208 -20.60 13.37 -4.49
N PRO A 209 -20.86 12.19 -3.83
CA PRO A 209 -20.45 12.03 -2.43
C PRO A 209 -18.96 12.16 -2.16
N GLU A 210 -18.13 12.08 -3.22
CA GLU A 210 -16.67 12.21 -3.16
C GLU A 210 -16.28 13.64 -2.78
N ILE A 211 -15.75 13.81 -1.55
CA ILE A 211 -15.31 15.10 -0.99
C ILE A 211 -14.05 14.94 -0.11
N TYR A 212 -13.21 15.99 -0.05
CA TYR A 212 -12.00 16.02 0.77
C TYR A 212 -12.00 17.25 1.68
N MET A 213 -11.69 17.02 2.96
CA MET A 213 -11.61 18.06 3.98
C MET A 213 -10.36 17.88 4.84
N THR A 214 -9.77 18.99 5.31
CA THR A 214 -8.58 19.00 6.15
C THR A 214 -8.41 20.33 6.89
N TRP A 215 -7.71 20.29 8.04
CA TRP A 215 -7.43 21.48 8.85
C TRP A 215 -5.95 21.82 8.76
N MET A 216 -5.63 23.12 8.71
CA MET A 216 -4.26 23.62 8.59
C MET A 216 -3.97 24.73 9.59
N LYS A 217 -2.94 24.53 10.42
CA LYS A 217 -2.50 25.51 11.41
C LYS A 217 -1.44 26.40 10.77
N ASN A 218 -1.86 27.62 10.34
CA ASN A 218 -1.08 28.67 9.67
C ASN A 218 -0.64 28.28 8.26
N GLY A 219 0.10 27.17 8.14
CA GLY A 219 0.60 26.62 6.88
C GLY A 219 1.19 25.23 7.07
N GLU A 220 0.55 24.42 7.93
CA GLU A 220 0.97 23.05 8.28
C GLU A 220 -0.26 22.24 8.71
N GLU A 221 -0.42 21.03 8.13
CA GLU A 221 -1.54 20.13 8.44
C GLU A 221 -1.36 19.48 9.82
N ILE A 222 -2.44 19.45 10.62
CA ILE A 222 -2.44 18.85 11.96
C ILE A 222 -2.44 17.32 11.85
N VAL A 223 -1.23 16.73 11.77
CA VAL A 223 -1.03 15.28 11.63
C VAL A 223 -1.39 14.52 12.93
N GLN A 224 -2.14 13.39 12.77
CA GLN A 224 -2.62 12.48 13.82
C GLN A 224 -3.40 13.21 14.94
N GLU A 225 -4.38 14.06 14.55
CA GLU A 225 -5.21 14.82 15.49
C GLU A 225 -6.63 15.09 14.99
N ILE A 226 -6.79 15.36 13.68
CA ILE A 226 -8.09 15.67 13.05
C ILE A 226 -9.04 14.46 13.05
N ASP A 227 -10.26 14.65 13.60
CA ASP A 227 -11.30 13.63 13.65
C ASP A 227 -12.30 13.87 12.52
N TYR A 228 -12.66 12.79 11.79
CA TYR A 228 -13.56 12.86 10.64
C TYR A 228 -14.91 12.19 10.86
N GLY A 229 -15.95 12.77 10.27
CA GLY A 229 -17.32 12.26 10.34
C GLY A 229 -17.60 11.23 9.27
N ASP A 230 -18.86 11.18 8.80
CA ASP A 230 -19.32 10.25 7.77
C ASP A 230 -20.01 11.00 6.63
N ILE A 231 -19.83 10.53 5.38
CA ILE A 231 -20.51 11.11 4.23
C ILE A 231 -21.92 10.50 4.25
N LEU A 232 -22.86 11.25 4.85
CA LEU A 232 -24.24 10.83 5.06
C LEU A 232 -25.23 11.37 4.04
N PRO A 233 -26.24 10.58 3.61
CA PRO A 233 -27.22 11.10 2.64
C PRO A 233 -28.25 11.99 3.34
N SER A 234 -28.44 13.21 2.80
CA SER A 234 -29.38 14.19 3.34
C SER A 234 -30.84 13.74 3.18
N GLY A 235 -31.16 13.17 2.03
CA GLY A 235 -32.50 12.68 1.71
C GLY A 235 -33.07 13.24 0.42
N ASP A 236 -32.57 14.41 0.00
CA ASP A 236 -33.00 15.11 -1.22
C ASP A 236 -31.96 15.00 -2.36
N GLY A 237 -31.28 13.84 -2.42
CA GLY A 237 -30.26 13.54 -3.41
C GLY A 237 -28.92 14.21 -3.19
N THR A 238 -28.71 14.77 -1.98
CA THR A 238 -27.49 15.46 -1.58
C THR A 238 -26.80 14.77 -0.39
N TYR A 239 -25.53 15.11 -0.14
CA TYR A 239 -24.72 14.52 0.93
C TYR A 239 -24.12 15.55 1.88
N GLN A 240 -23.82 15.11 3.14
CA GLN A 240 -23.24 15.96 4.19
C GLN A 240 -22.08 15.27 4.91
N ALA A 241 -21.08 16.07 5.36
CA ALA A 241 -19.86 15.61 6.06
C ALA A 241 -19.22 16.72 6.90
N TRP A 242 -18.49 16.34 7.98
CA TRP A 242 -17.80 17.28 8.87
C TRP A 242 -16.41 16.80 9.31
N ALA A 243 -15.60 17.74 9.86
CA ALA A 243 -14.25 17.49 10.38
C ALA A 243 -14.00 18.40 11.59
N SER A 244 -13.72 17.80 12.76
CA SER A 244 -13.49 18.55 14.01
C SER A 244 -12.05 18.48 14.52
N ILE A 245 -11.58 19.58 15.14
CA ILE A 245 -10.24 19.71 15.70
C ILE A 245 -10.27 20.48 17.04
N GLU A 246 -9.56 19.96 18.06
CA GLU A 246 -9.47 20.55 19.40
C GLU A 246 -8.72 21.88 19.38
N LEU A 247 -9.38 22.94 19.88
CA LEU A 247 -8.85 24.31 19.91
C LEU A 247 -7.96 24.59 21.12
N ASP A 248 -6.91 25.41 20.91
CA ASP A 248 -5.94 25.85 21.93
C ASP A 248 -5.59 27.34 21.68
N PRO A 249 -5.32 28.14 22.75
CA PRO A 249 -4.99 29.57 22.51
C PRO A 249 -3.63 29.79 21.84
N LEU A 254 -3.46 30.76 13.87
CA LEU A 254 -4.39 30.72 12.74
C LEU A 254 -4.76 29.27 12.38
N TYR A 255 -6.07 28.99 12.27
CA TYR A 255 -6.63 27.68 11.91
C TYR A 255 -7.49 27.83 10.66
N SER A 256 -7.11 27.13 9.57
CA SER A 256 -7.83 27.21 8.30
C SER A 256 -8.34 25.86 7.81
N CYS A 257 -9.63 25.83 7.40
CA CYS A 257 -10.27 24.63 6.86
C CYS A 257 -10.17 24.62 5.33
N HIS A 258 -9.66 23.51 4.78
CA HIS A 258 -9.48 23.34 3.34
C HIS A 258 -10.44 22.28 2.80
N VAL A 259 -11.27 22.67 1.81
CA VAL A 259 -12.26 21.79 1.17
C VAL A 259 -11.92 21.58 -0.31
N GLU A 260 -12.05 20.32 -0.78
CA GLU A 260 -11.81 19.93 -2.17
C GLU A 260 -13.04 19.21 -2.72
N HIS A 261 -13.78 19.89 -3.62
CA HIS A 261 -14.99 19.36 -4.26
C HIS A 261 -15.21 20.01 -5.62
N SER A 262 -15.61 19.17 -6.62
CA SER A 262 -15.91 19.52 -8.02
C SER A 262 -14.76 20.30 -8.71
N GLY A 263 -13.53 19.92 -8.39
CA GLY A 263 -12.31 20.55 -8.91
C GLY A 263 -12.12 21.97 -8.45
N VAL A 264 -12.68 22.33 -7.27
CA VAL A 264 -12.60 23.65 -6.67
C VAL A 264 -12.00 23.54 -5.26
N HIS A 265 -10.91 24.31 -5.00
CA HIS A 265 -10.25 24.33 -3.70
C HIS A 265 -10.79 25.51 -2.89
N MET A 266 -11.61 25.18 -1.87
CA MET A 266 -12.25 26.16 -0.98
C MET A 266 -11.42 26.39 0.28
N VAL A 267 -11.13 27.66 0.59
CA VAL A 267 -10.35 28.07 1.76
C VAL A 267 -11.27 28.81 2.74
N LEU A 268 -11.19 28.45 4.03
CA LEU A 268 -11.97 29.07 5.10
C LEU A 268 -11.12 29.37 6.33
N GLN A 269 -10.88 30.67 6.60
CA GLN A 269 -10.12 31.15 7.76
C GLN A 269 -11.04 31.34 8.95
N VAL A 270 -10.54 31.02 10.16
CA VAL A 270 -11.31 31.13 11.41
C VAL A 270 -11.65 32.62 11.72
N PRO A 271 -12.96 32.97 11.89
CA PRO A 271 -13.30 34.37 12.17
C PRO A 271 -13.08 34.76 13.63
N ILE B 1 -21.51 -15.25 11.31
CA ILE B 1 -21.15 -14.13 12.17
C ILE B 1 -22.21 -13.03 12.16
N GLN B 2 -22.47 -12.43 13.34
CA GLN B 2 -23.46 -11.36 13.53
C GLN B 2 -22.83 -9.96 13.42
N ARG B 3 -23.65 -8.94 13.06
CA ARG B 3 -23.24 -7.55 12.92
C ARG B 3 -24.24 -6.58 13.59
N THR B 4 -23.72 -5.63 14.39
CA THR B 4 -24.53 -4.63 15.12
C THR B 4 -24.77 -3.35 14.27
N PRO B 5 -25.99 -2.77 14.27
CA PRO B 5 -26.22 -1.55 13.46
C PRO B 5 -25.63 -0.27 14.06
N LYS B 6 -25.13 0.61 13.17
CA LYS B 6 -24.56 1.91 13.52
C LYS B 6 -25.61 2.98 13.21
N ILE B 7 -26.29 3.48 14.26
CA ILE B 7 -27.37 4.47 14.15
C ILE B 7 -26.81 5.89 14.17
N GLN B 8 -27.25 6.73 13.22
CA GLN B 8 -26.83 8.13 13.09
C GLN B 8 -28.04 9.04 12.89
N VAL B 9 -28.35 9.87 13.90
CA VAL B 9 -29.50 10.78 13.88
C VAL B 9 -29.07 12.21 13.57
N TYR B 10 -29.63 12.78 12.48
CA TYR B 10 -29.32 14.12 11.99
C TYR B 10 -30.49 14.75 11.20
N SER B 11 -30.27 15.97 10.66
CA SER B 11 -31.24 16.71 9.85
C SER B 11 -30.70 16.93 8.43
N ARG B 12 -31.63 17.05 7.45
CA ARG B 12 -31.34 17.27 6.03
C ARG B 12 -30.68 18.64 5.81
N HIS B 13 -31.14 19.67 6.53
CA HIS B 13 -30.65 21.05 6.45
C HIS B 13 -30.15 21.53 7.84
N PRO B 14 -29.37 22.64 7.98
CA PRO B 14 -28.92 23.07 9.31
C PRO B 14 -30.08 23.44 10.25
N ALA B 15 -29.92 23.15 11.54
CA ALA B 15 -30.91 23.39 12.60
C ALA B 15 -31.28 24.86 12.78
N GLU B 16 -32.58 25.15 12.72
CA GLU B 16 -33.18 26.49 12.88
C GLU B 16 -34.64 26.34 13.31
N ASN B 17 -34.99 26.90 14.47
CA ASN B 17 -36.35 26.82 15.01
C ASN B 17 -37.31 27.73 14.25
N GLY B 18 -38.34 27.11 13.67
CA GLY B 18 -39.37 27.80 12.89
C GLY B 18 -39.53 27.21 11.50
N LYS B 19 -38.43 27.15 10.73
CA LYS B 19 -38.40 26.61 9.37
C LYS B 19 -38.48 25.09 9.39
N SER B 20 -39.32 24.52 8.49
CA SER B 20 -39.53 23.08 8.35
C SER B 20 -38.30 22.37 7.80
N ASN B 21 -37.97 21.20 8.38
CA ASN B 21 -36.82 20.37 8.01
C ASN B 21 -37.23 18.89 7.95
N PHE B 22 -36.27 17.98 7.68
CA PHE B 22 -36.49 16.54 7.60
C PHE B 22 -35.62 15.80 8.62
N LEU B 23 -36.23 14.91 9.41
CA LEU B 23 -35.53 14.10 10.41
C LEU B 23 -35.00 12.83 9.78
N ASN B 24 -33.69 12.57 9.94
CA ASN B 24 -33.06 11.39 9.36
C ASN B 24 -32.42 10.48 10.39
N CYS B 25 -32.81 9.20 10.37
CA CYS B 25 -32.31 8.13 11.24
C CYS B 25 -31.64 7.08 10.32
N TYR B 26 -30.34 7.29 10.04
CA TYR B 26 -29.54 6.45 9.15
C TYR B 26 -28.84 5.29 9.89
N VAL B 27 -29.24 4.05 9.55
CA VAL B 27 -28.68 2.81 10.11
C VAL B 27 -27.79 2.12 9.09
N SER B 28 -26.61 1.61 9.50
CA SER B 28 -25.65 0.96 8.60
C SER B 28 -24.77 -0.08 9.31
N GLY B 29 -24.25 -1.03 8.53
CA GLY B 29 -23.36 -2.08 9.01
C GLY B 29 -24.02 -3.18 9.81
N PHE B 30 -25.29 -3.50 9.49
CA PHE B 30 -26.05 -4.55 10.18
C PHE B 30 -26.26 -5.81 9.34
N HIS B 31 -26.38 -6.97 10.03
CA HIS B 31 -26.61 -8.28 9.43
C HIS B 31 -27.27 -9.20 10.48
N PRO B 32 -28.43 -9.85 10.20
CA PRO B 32 -29.22 -9.87 8.95
C PRO B 32 -30.06 -8.62 8.68
N SER B 33 -30.85 -8.65 7.58
CA SER B 33 -31.71 -7.57 7.09
C SER B 33 -32.90 -7.19 7.99
N ASP B 34 -33.45 -8.16 8.77
CA ASP B 34 -34.61 -7.95 9.66
C ASP B 34 -34.34 -6.91 10.76
N ILE B 35 -35.03 -5.75 10.67
CA ILE B 35 -34.89 -4.63 11.60
C ILE B 35 -36.21 -3.85 11.77
N GLU B 36 -36.41 -3.25 12.96
CA GLU B 36 -37.60 -2.46 13.30
C GLU B 36 -37.17 -1.05 13.73
N VAL B 37 -37.52 -0.03 12.90
CA VAL B 37 -37.17 1.37 13.13
C VAL B 37 -38.44 2.24 13.26
N ASP B 38 -38.52 3.02 14.37
CA ASP B 38 -39.63 3.92 14.66
C ASP B 38 -39.10 5.28 15.12
N LEU B 39 -39.43 6.35 14.38
CA LEU B 39 -39.02 7.72 14.69
C LEU B 39 -39.86 8.26 15.86
N LEU B 40 -39.18 8.68 16.94
CA LEU B 40 -39.77 9.17 18.18
C LEU B 40 -39.83 10.70 18.28
N LYS B 41 -40.92 11.21 18.88
CA LYS B 41 -41.18 12.62 19.12
C LYS B 41 -41.67 12.77 20.56
N ASN B 42 -40.74 13.17 21.47
CA ASN B 42 -40.95 13.34 22.93
C ASN B 42 -41.41 12.03 23.61
N GLY B 43 -40.96 10.90 23.08
CA GLY B 43 -41.28 9.57 23.58
C GLY B 43 -42.28 8.81 22.71
N GLU B 44 -43.24 9.55 22.12
CA GLU B 44 -44.29 8.98 21.26
C GLU B 44 -43.82 8.83 19.81
N ARG B 45 -43.98 7.62 19.25
CA ARG B 45 -43.58 7.28 17.88
C ARG B 45 -44.52 7.91 16.85
N ILE B 46 -43.93 8.49 15.78
CA ILE B 46 -44.67 9.13 14.69
C ILE B 46 -45.35 8.06 13.82
N GLU B 47 -46.67 8.22 13.59
CA GLU B 47 -47.52 7.30 12.83
C GLU B 47 -47.11 7.15 11.35
N LYS B 48 -46.86 8.28 10.66
CA LYS B 48 -46.47 8.27 9.25
C LYS B 48 -45.01 8.67 9.04
N VAL B 49 -44.14 7.67 8.80
CA VAL B 49 -42.70 7.86 8.57
C VAL B 49 -42.31 7.20 7.24
N GLU B 50 -41.84 8.01 6.27
CA GLU B 50 -41.39 7.52 4.96
C GLU B 50 -39.99 6.92 5.09
N HIS B 51 -39.69 5.86 4.32
CA HIS B 51 -38.39 5.19 4.38
C HIS B 51 -37.89 4.70 3.03
N SER B 52 -36.55 4.65 2.89
CA SER B 52 -35.86 4.16 1.69
C SER B 52 -35.90 2.63 1.64
N ASP B 53 -35.62 2.05 0.47
CA ASP B 53 -35.59 0.59 0.27
C ASP B 53 -34.36 0.00 0.94
N LEU B 54 -34.41 -1.31 1.31
CA LEU B 54 -33.29 -2.02 1.96
C LEU B 54 -32.10 -2.09 1.00
N SER B 55 -31.14 -1.15 1.21
CA SER B 55 -29.95 -1.01 0.39
C SER B 55 -28.81 -1.93 0.79
N PHE B 56 -28.09 -2.47 -0.21
CA PHE B 56 -26.97 -3.38 -0.04
C PHE B 56 -25.63 -2.65 -0.10
N SER B 57 -24.61 -3.16 0.62
CA SER B 57 -23.27 -2.61 0.64
C SER B 57 -22.23 -3.66 0.21
N LYS B 58 -21.03 -3.20 -0.23
CA LYS B 58 -19.93 -4.04 -0.69
C LYS B 58 -19.40 -5.02 0.37
N ASP B 59 -19.48 -4.65 1.66
CA ASP B 59 -19.02 -5.47 2.78
C ASP B 59 -20.09 -6.44 3.32
N TRP B 60 -21.06 -6.83 2.46
CA TRP B 60 -22.17 -7.76 2.69
C TRP B 60 -23.25 -7.25 3.67
N SER B 61 -22.98 -6.13 4.38
CA SER B 61 -23.92 -5.52 5.32
C SER B 61 -25.02 -4.72 4.60
N PHE B 62 -26.03 -4.22 5.35
CA PHE B 62 -27.14 -3.46 4.79
C PHE B 62 -27.23 -2.06 5.42
N TYR B 63 -27.91 -1.12 4.74
CA TYR B 63 -28.12 0.24 5.23
C TYR B 63 -29.47 0.82 4.81
N LEU B 64 -30.12 1.55 5.74
CA LEU B 64 -31.44 2.16 5.53
C LEU B 64 -31.49 3.63 5.94
N LEU B 65 -32.52 4.36 5.47
CA LEU B 65 -32.74 5.77 5.77
C LEU B 65 -34.24 6.04 5.95
N TYR B 66 -34.61 6.69 7.08
CA TYR B 66 -35.99 7.05 7.42
C TYR B 66 -36.13 8.57 7.43
N TYR B 67 -37.07 9.11 6.63
CA TYR B 67 -37.29 10.56 6.52
C TYR B 67 -38.75 10.98 6.70
N THR B 68 -38.97 12.11 7.39
CA THR B 68 -40.28 12.71 7.67
C THR B 68 -40.11 14.21 7.94
N GLU B 69 -41.04 15.03 7.40
CA GLU B 69 -41.05 16.49 7.57
C GLU B 69 -41.40 16.85 9.01
N PHE B 70 -40.51 17.61 9.67
CA PHE B 70 -40.69 18.03 11.06
C PHE B 70 -40.25 19.49 11.28
N THR B 71 -40.89 20.17 12.24
CA THR B 71 -40.58 21.55 12.60
C THR B 71 -39.76 21.53 13.91
N PRO B 72 -38.43 21.82 13.85
CA PRO B 72 -37.62 21.76 15.08
C PRO B 72 -37.89 22.88 16.08
N THR B 73 -37.93 22.53 17.38
CA THR B 73 -38.15 23.45 18.49
C THR B 73 -37.18 23.15 19.65
N GLU B 74 -36.87 24.17 20.46
CA GLU B 74 -35.95 24.07 21.61
C GLU B 74 -36.49 23.20 22.75
N LYS B 75 -37.82 23.12 22.91
CA LYS B 75 -38.48 22.33 23.95
C LYS B 75 -38.61 20.85 23.60
N ASP B 76 -39.01 20.54 22.35
CA ASP B 76 -39.22 19.17 21.88
C ASP B 76 -37.91 18.39 21.68
N GLU B 77 -37.90 17.12 22.11
CA GLU B 77 -36.74 16.21 21.99
C GLU B 77 -37.06 15.07 21.02
N TYR B 78 -36.15 14.81 20.05
CA TYR B 78 -36.32 13.78 19.03
C TYR B 78 -35.28 12.66 19.11
N ALA B 79 -35.69 11.44 18.71
CA ALA B 79 -34.86 10.22 18.69
C ALA B 79 -35.51 9.17 17.78
N CYS B 80 -34.90 7.97 17.67
CA CYS B 80 -35.43 6.85 16.88
C CYS B 80 -35.07 5.51 17.49
N ARG B 81 -36.10 4.69 17.78
CA ARG B 81 -35.96 3.36 18.38
C ARG B 81 -35.59 2.34 17.32
N VAL B 82 -34.47 1.61 17.55
CA VAL B 82 -33.95 0.59 16.64
C VAL B 82 -33.95 -0.79 17.32
N ASN B 83 -34.50 -1.81 16.63
CA ASN B 83 -34.58 -3.18 17.14
C ASN B 83 -34.01 -4.20 16.13
N HIS B 84 -32.89 -4.85 16.52
CA HIS B 84 -32.18 -5.85 15.72
C HIS B 84 -31.86 -7.11 16.55
N VAL B 85 -31.45 -8.21 15.89
CA VAL B 85 -31.10 -9.50 16.49
C VAL B 85 -29.96 -9.35 17.51
N THR B 86 -28.92 -8.55 17.15
CA THR B 86 -27.75 -8.27 18.00
C THR B 86 -28.13 -7.44 19.24
N LEU B 87 -29.12 -6.55 19.08
CA LEU B 87 -29.59 -5.69 20.17
C LEU B 87 -30.57 -6.44 21.08
N SER B 88 -30.09 -6.90 22.25
CA SER B 88 -30.89 -7.60 23.25
C SER B 88 -31.86 -6.61 23.90
N GLN B 89 -31.44 -5.32 23.94
CA GLN B 89 -32.18 -4.18 24.47
C GLN B 89 -32.36 -3.20 23.28
N PRO B 90 -33.60 -2.78 22.93
CA PRO B 90 -33.79 -1.88 21.79
C PRO B 90 -33.15 -0.50 22.00
N LYS B 91 -31.95 -0.31 21.41
CA LYS B 91 -31.12 0.90 21.50
C LYS B 91 -31.82 2.15 20.99
N ILE B 92 -31.85 3.20 21.84
CA ILE B 92 -32.44 4.50 21.54
C ILE B 92 -31.31 5.53 21.49
N VAL B 93 -31.08 6.13 20.32
CA VAL B 93 -30.03 7.13 20.11
C VAL B 93 -30.69 8.52 20.06
N LYS B 94 -30.30 9.39 21.01
CA LYS B 94 -30.83 10.75 21.12
C LYS B 94 -30.18 11.70 20.10
N TRP B 95 -31.01 12.54 19.47
CA TRP B 95 -30.56 13.52 18.48
C TRP B 95 -30.06 14.80 19.16
N ASP B 96 -28.90 15.31 18.71
CA ASP B 96 -28.26 16.51 19.25
C ASP B 96 -28.35 17.65 18.23
N ARG B 97 -28.61 18.88 18.73
CA ARG B 97 -28.73 20.08 17.90
C ARG B 97 -27.35 20.62 17.50
N HIS C 3 10.56 10.33 -13.05
CA HIS C 3 11.77 9.75 -12.49
C HIS C 3 12.52 10.75 -11.61
N LEU C 4 13.00 10.27 -10.44
CA LEU C 4 13.77 11.06 -9.47
C LEU C 4 15.13 10.41 -9.23
N GLU C 5 16.18 11.24 -9.11
CA GLU C 5 17.56 10.79 -8.90
C GLU C 5 18.34 11.79 -8.05
N GLN C 6 18.99 11.29 -6.99
CA GLN C 6 19.81 12.09 -6.08
C GLN C 6 21.29 11.87 -6.40
N PRO C 7 21.98 12.89 -7.00
CA PRO C 7 23.39 12.71 -7.37
C PRO C 7 24.34 12.37 -6.22
N GLN C 8 24.12 13.00 -5.04
CA GLN C 8 24.93 12.75 -3.84
C GLN C 8 24.51 11.43 -3.20
N ILE C 9 25.48 10.52 -2.99
CA ILE C 9 25.25 9.21 -2.38
C ILE C 9 25.39 9.32 -0.84
N SER C 10 26.25 10.26 -0.38
CA SER C 10 26.53 10.56 1.02
C SER C 10 27.05 11.98 1.15
N SER C 11 26.70 12.68 2.26
CA SER C 11 27.14 14.05 2.51
C SER C 11 27.64 14.20 3.95
N THR C 12 28.98 14.24 4.11
CA THR C 12 29.65 14.38 5.41
C THR C 12 29.77 15.87 5.77
N LYS C 13 29.04 16.28 6.83
CA LYS C 13 29.02 17.65 7.32
C LYS C 13 29.48 17.77 8.77
N THR C 14 30.22 18.85 9.08
CA THR C 14 30.75 19.14 10.41
C THR C 14 29.59 19.57 11.34
N LEU C 15 29.74 19.30 12.66
CA LEU C 15 28.77 19.58 13.72
C LEU C 15 28.31 21.04 13.73
N SER C 16 26.97 21.26 13.76
CA SER C 16 26.28 22.56 13.76
C SER C 16 26.67 23.45 12.57
N LYS C 17 26.51 22.91 11.34
CA LYS C 17 26.82 23.60 10.08
C LYS C 17 25.77 23.33 8.99
N THR C 18 25.63 24.27 8.05
CA THR C 18 24.69 24.19 6.92
C THR C 18 25.15 23.16 5.88
N ALA C 19 24.18 22.38 5.33
CA ALA C 19 24.43 21.35 4.32
C ALA C 19 23.29 21.26 3.31
N ARG C 20 23.63 21.15 2.01
CA ARG C 20 22.66 21.07 0.91
C ARG C 20 22.58 19.67 0.31
N LEU C 21 21.36 19.18 0.06
CA LEU C 21 21.11 17.85 -0.51
C LEU C 21 20.39 17.94 -1.86
N GLU C 22 21.01 17.37 -2.91
CA GLU C 22 20.52 17.40 -4.29
C GLU C 22 19.44 16.35 -4.59
N CYS C 23 18.55 16.67 -5.57
CA CYS C 23 17.46 15.84 -6.09
C CYS C 23 17.05 16.39 -7.46
N VAL C 24 17.41 15.66 -8.54
CA VAL C 24 17.12 16.08 -9.92
C VAL C 24 15.91 15.32 -10.49
N VAL C 25 15.00 16.07 -11.16
CA VAL C 25 13.80 15.52 -11.80
C VAL C 25 14.04 15.12 -13.27
N SER C 26 13.23 14.19 -13.79
CA SER C 26 13.32 13.71 -15.16
C SER C 26 11.93 13.63 -15.78
N GLY C 27 11.79 14.23 -16.97
CA GLY C 27 10.53 14.26 -17.70
C GLY C 27 9.71 15.50 -17.38
N ILE C 28 8.89 15.42 -16.31
CA ILE C 28 8.05 16.53 -15.88
C ILE C 28 8.90 17.63 -15.20
N THR C 29 8.52 18.91 -15.42
CA THR C 29 9.22 20.07 -14.85
C THR C 29 8.79 20.37 -13.41
N ILE C 30 9.72 20.93 -12.60
CA ILE C 30 9.53 21.30 -11.20
C ILE C 30 8.47 22.40 -11.01
N SER C 31 8.35 23.32 -11.99
CA SER C 31 7.41 24.44 -11.98
C SER C 31 5.93 24.01 -12.04
N ALA C 32 5.65 22.79 -12.55
CA ALA C 32 4.31 22.23 -12.69
C ALA C 32 3.90 21.30 -11.55
N THR C 33 4.88 20.60 -10.93
CA THR C 33 4.65 19.64 -9.84
C THR C 33 5.09 20.16 -8.46
N SER C 34 4.86 19.33 -7.42
CA SER C 34 5.24 19.61 -6.03
C SER C 34 6.23 18.56 -5.54
N VAL C 35 7.31 19.01 -4.88
CA VAL C 35 8.36 18.14 -4.35
C VAL C 35 8.16 17.92 -2.86
N TYR C 36 8.23 16.65 -2.41
CA TYR C 36 8.09 16.23 -1.02
C TYR C 36 9.45 15.72 -0.50
N TRP C 37 9.71 15.88 0.81
CA TRP C 37 10.97 15.42 1.41
C TRP C 37 10.74 14.51 2.60
N TYR C 38 11.44 13.37 2.62
CA TYR C 38 11.34 12.33 3.65
C TYR C 38 12.69 12.01 4.32
N ARG C 39 12.64 11.54 5.58
CA ARG C 39 13.80 11.15 6.38
C ARG C 39 13.59 9.73 6.93
N GLU C 40 14.55 8.82 6.68
CA GLU C 40 14.51 7.43 7.14
C GLU C 40 15.54 7.18 8.25
N ARG C 41 15.12 7.41 9.52
CA ARG C 41 15.94 7.23 10.72
C ARG C 41 16.34 5.76 10.93
N PRO C 42 17.56 5.46 11.45
CA PRO C 42 17.97 4.06 11.64
C PRO C 42 17.16 3.33 12.71
N GLY C 43 16.57 2.19 12.31
CA GLY C 43 15.73 1.36 13.17
C GLY C 43 14.39 2.01 13.50
N GLU C 44 13.95 2.97 12.65
CA GLU C 44 12.70 3.71 12.82
C GLU C 44 11.89 3.83 11.51
N VAL C 45 10.79 4.62 11.56
CA VAL C 45 9.83 4.85 10.47
C VAL C 45 10.26 6.01 9.53
N ILE C 46 9.94 5.91 8.22
CA ILE C 46 10.20 6.95 7.23
C ILE C 46 9.20 8.08 7.49
N GLN C 47 9.70 9.25 7.89
CA GLN C 47 8.86 10.41 8.22
C GLN C 47 9.04 11.60 7.29
N PHE C 48 7.94 12.33 7.06
CA PHE C 48 7.88 13.52 6.21
C PHE C 48 8.56 14.72 6.88
N LEU C 49 9.18 15.59 6.09
CA LEU C 49 9.89 16.78 6.56
C LEU C 49 9.27 18.08 6.03
N VAL C 50 9.49 18.40 4.74
CA VAL C 50 8.99 19.63 4.10
C VAL C 50 8.51 19.38 2.67
N SER C 51 7.52 20.17 2.24
CA SER C 51 6.94 20.10 0.90
C SER C 51 6.77 21.48 0.26
N ILE C 52 7.25 21.63 -0.97
CA ILE C 52 7.13 22.87 -1.74
C ILE C 52 6.09 22.69 -2.86
N SER C 53 5.02 23.50 -2.82
CA SER C 53 3.92 23.47 -3.79
C SER C 53 4.34 24.02 -5.16
N TYR C 54 3.57 23.71 -6.22
CA TYR C 54 3.81 24.16 -7.60
C TYR C 54 3.78 25.69 -7.77
N ASP C 55 2.99 26.38 -6.91
CA ASP C 55 2.89 27.85 -6.93
C ASP C 55 4.12 28.52 -6.29
N GLY C 56 4.64 27.93 -5.22
CA GLY C 56 5.80 28.42 -4.51
C GLY C 56 5.75 28.34 -2.99
N THR C 57 4.55 28.07 -2.43
CA THR C 57 4.33 27.97 -0.98
C THR C 57 4.98 26.74 -0.35
N VAL C 58 5.50 26.89 0.88
CA VAL C 58 6.15 25.83 1.64
C VAL C 58 5.27 25.30 2.78
N ARG C 59 5.33 23.99 3.03
CA ARG C 59 4.57 23.27 4.07
C ARG C 59 5.52 22.40 4.88
N LYS C 60 5.18 22.11 6.16
CA LYS C 60 6.01 21.29 7.04
C LYS C 60 5.21 20.21 7.81
N GLU C 61 5.86 19.57 8.80
CA GLU C 61 5.27 18.53 9.65
C GLU C 61 5.38 18.94 11.14
N SER C 62 4.42 18.48 11.97
CA SER C 62 4.38 18.76 13.41
C SER C 62 5.59 18.13 14.11
N GLY C 63 6.48 18.98 14.61
CA GLY C 63 7.71 18.58 15.28
C GLY C 63 8.96 19.14 14.61
N ILE C 64 8.78 20.18 13.78
CA ILE C 64 9.85 20.86 13.04
C ILE C 64 9.87 22.34 13.47
N PRO C 65 11.02 22.88 13.93
CA PRO C 65 11.05 24.30 14.37
C PRO C 65 11.08 25.28 13.21
N SER C 66 10.62 26.52 13.46
CA SER C 66 10.58 27.61 12.48
C SER C 66 12.00 28.12 12.18
N GLY C 67 12.54 27.67 11.05
CA GLY C 67 13.88 28.03 10.61
C GLY C 67 14.90 26.94 10.89
N LYS C 68 14.80 25.82 10.18
CA LYS C 68 15.68 24.66 10.30
C LYS C 68 15.91 23.97 8.95
N PHE C 69 14.86 23.93 8.11
CA PHE C 69 14.89 23.32 6.77
C PHE C 69 14.46 24.31 5.70
N GLU C 70 15.17 24.33 4.57
CA GLU C 70 14.89 25.22 3.43
C GLU C 70 14.83 24.43 2.12
N VAL C 71 13.74 24.63 1.34
CA VAL C 71 13.55 23.96 0.05
C VAL C 71 13.44 24.95 -1.11
N ASP C 72 14.21 24.70 -2.18
CA ASP C 72 14.25 25.54 -3.38
C ASP C 72 14.31 24.71 -4.66
N ARG C 73 13.57 25.15 -5.69
CA ARG C 73 13.51 24.49 -7.01
C ARG C 73 13.74 25.51 -8.13
N ILE C 74 14.97 25.53 -8.67
CA ILE C 74 15.40 26.44 -9.73
C ILE C 74 14.85 25.96 -11.09
N PRO C 75 14.14 26.81 -11.87
CA PRO C 75 13.60 26.36 -13.16
C PRO C 75 14.64 26.15 -14.26
N GLU C 76 15.79 26.86 -14.18
CA GLU C 76 16.89 26.78 -15.14
C GLU C 76 17.60 25.43 -15.10
N THR C 77 17.91 24.94 -13.89
CA THR C 77 18.61 23.66 -13.66
C THR C 77 17.65 22.48 -13.51
N SER C 78 16.39 22.76 -13.08
CA SER C 78 15.31 21.79 -12.85
C SER C 78 15.69 20.74 -11.77
N THR C 79 16.00 21.23 -10.56
CA THR C 79 16.41 20.40 -9.43
C THR C 79 15.92 20.97 -8.09
N SER C 80 15.55 20.08 -7.15
CA SER C 80 15.09 20.43 -5.81
C SER C 80 16.22 20.23 -4.80
N THR C 81 16.44 21.23 -3.93
CA THR C 81 17.51 21.19 -2.93
C THR C 81 17.03 21.49 -1.51
N LEU C 82 17.38 20.60 -0.57
CA LEU C 82 17.05 20.72 0.85
C LEU C 82 18.28 21.21 1.62
N THR C 83 18.11 22.29 2.40
CA THR C 83 19.18 22.89 3.21
C THR C 83 18.92 22.63 4.69
N ILE C 84 19.82 21.88 5.35
CA ILE C 84 19.73 21.53 6.77
C ILE C 84 20.65 22.43 7.60
N HIS C 85 20.07 23.26 8.48
CA HIS C 85 20.79 24.19 9.34
C HIS C 85 20.99 23.64 10.75
N ASN C 86 22.16 23.94 11.36
CA ASN C 86 22.58 23.51 12.70
C ASN C 86 22.39 22.01 12.90
N VAL C 87 23.09 21.22 12.07
CA VAL C 87 23.02 19.75 12.04
C VAL C 87 23.51 19.13 13.36
N GLU C 88 22.72 18.17 13.88
CA GLU C 88 22.99 17.45 15.13
C GLU C 88 23.09 15.93 14.88
N LYS C 89 23.42 15.15 15.93
CA LYS C 89 23.55 13.69 15.88
C LYS C 89 22.22 12.98 15.56
N GLN C 90 21.09 13.63 15.88
CA GLN C 90 19.74 13.11 15.64
C GLN C 90 19.31 13.19 14.15
N ASP C 91 20.12 13.85 13.30
CA ASP C 91 19.87 14.03 11.87
C ASP C 91 20.50 12.94 10.98
N ILE C 92 21.32 12.02 11.57
CA ILE C 92 21.97 10.92 10.85
C ILE C 92 20.88 9.94 10.35
N ALA C 93 20.51 10.07 9.05
CA ALA C 93 19.48 9.27 8.38
C ALA C 93 19.60 9.33 6.86
N THR C 94 18.95 8.38 6.17
CA THR C 94 18.92 8.32 4.70
C THR C 94 17.73 9.16 4.21
N TYR C 95 18.03 10.33 3.62
CA TYR C 95 17.03 11.27 3.11
C TYR C 95 16.57 10.91 1.71
N TYR C 96 15.25 10.97 1.47
CA TYR C 96 14.62 10.66 0.18
C TYR C 96 13.75 11.81 -0.29
N CYS C 97 13.76 12.08 -1.60
CA CYS C 97 12.90 13.11 -2.20
C CYS C 97 11.79 12.44 -3.00
N ALA C 98 10.56 12.94 -2.88
CA ALA C 98 9.39 12.35 -3.53
C ALA C 98 8.64 13.28 -4.47
N LEU C 99 7.85 12.69 -5.38
CA LEU C 99 7.02 13.35 -6.39
C LEU C 99 5.92 12.37 -6.82
N TRP C 100 4.70 12.87 -7.07
CA TRP C 100 3.58 12.03 -7.48
C TRP C 100 3.62 11.66 -8.96
N ASP C 101 3.62 10.34 -9.24
CA ASP C 101 3.63 9.75 -10.58
C ASP C 101 2.25 9.91 -11.24
N ARG C 102 2.17 9.69 -12.56
CA ARG C 102 0.95 9.79 -13.37
C ARG C 102 0.10 8.50 -13.25
N TYR C 103 -1.02 8.50 -12.49
CA TYR C 103 -1.56 9.59 -11.69
C TYR C 103 -2.00 9.07 -10.29
N TYR C 104 -1.45 7.91 -9.87
CA TYR C 104 -1.81 7.25 -8.61
C TYR C 104 -0.64 7.01 -7.65
N LYS C 105 0.51 6.50 -8.16
CA LYS C 105 1.69 6.16 -7.37
C LYS C 105 2.58 7.37 -7.01
N LYS C 106 3.51 7.19 -6.05
CA LYS C 106 4.45 8.23 -5.62
C LYS C 106 5.90 7.76 -5.81
N LEU C 107 6.64 8.43 -6.70
CA LEU C 107 8.04 8.13 -7.01
C LEU C 107 8.96 8.57 -5.86
N PHE C 108 10.12 7.91 -5.71
CA PHE C 108 11.11 8.21 -4.69
C PHE C 108 12.53 8.20 -5.25
N GLY C 109 13.38 9.07 -4.72
CA GLY C 109 14.78 9.20 -5.12
C GLY C 109 15.67 8.05 -4.72
N SER C 110 16.95 8.11 -5.14
CA SER C 110 17.96 7.09 -4.86
C SER C 110 18.37 7.01 -3.37
N GLY C 111 18.28 8.14 -2.67
CA GLY C 111 18.61 8.23 -1.25
C GLY C 111 19.98 8.80 -0.97
N THR C 112 20.06 9.67 0.04
CA THR C 112 21.31 10.32 0.47
C THR C 112 21.45 10.20 2.01
N THR C 113 22.43 9.42 2.46
CA THR C 113 22.71 9.19 3.88
C THR C 113 23.58 10.34 4.40
N LEU C 114 23.20 10.93 5.55
CA LEU C 114 23.91 12.05 6.16
C LEU C 114 24.85 11.60 7.28
N VAL C 115 26.12 12.06 7.23
CA VAL C 115 27.16 11.74 8.21
C VAL C 115 27.56 13.00 8.97
N VAL C 116 27.47 12.97 10.31
CA VAL C 116 27.80 14.09 11.19
C VAL C 116 29.03 13.74 12.05
N THR C 117 30.03 14.65 12.10
CA THR C 117 31.27 14.49 12.86
C THR C 117 31.57 15.68 13.77
N ASP C 118 32.34 15.43 14.85
CA ASP C 118 32.76 16.44 15.83
C ASP C 118 33.79 17.42 15.22
N LYS C 119 34.83 16.85 14.57
CA LYS C 119 35.90 17.61 13.92
C LYS C 119 36.01 17.25 12.44
N GLN C 120 36.56 18.17 11.62
CA GLN C 120 36.75 18.01 10.18
C GLN C 120 37.73 16.89 9.84
N LEU C 121 37.53 16.22 8.68
CA LEU C 121 38.38 15.14 8.20
C LEU C 121 39.76 15.64 7.78
N ASP C 122 40.80 15.32 8.59
CA ASP C 122 42.18 15.74 8.36
C ASP C 122 43.04 14.61 7.75
N ALA C 123 42.42 13.72 6.96
CA ALA C 123 43.06 12.59 6.28
C ALA C 123 42.37 12.25 4.96
N ASP C 124 43.11 11.65 4.01
CA ASP C 124 42.58 11.25 2.70
C ASP C 124 41.63 10.05 2.86
N VAL C 125 40.32 10.31 2.71
CA VAL C 125 39.27 9.30 2.86
C VAL C 125 38.82 8.71 1.50
N SER C 126 39.73 8.73 0.51
CA SER C 126 39.50 8.18 -0.83
C SER C 126 39.66 6.65 -0.80
N PRO C 127 38.78 5.87 -1.47
CA PRO C 127 38.92 4.41 -1.44
C PRO C 127 40.13 3.89 -2.22
N LYS C 128 41.09 3.28 -1.49
CA LYS C 128 42.33 2.74 -2.06
C LYS C 128 42.06 1.42 -2.81
N PRO C 129 42.31 1.36 -4.15
CA PRO C 129 42.04 0.11 -4.88
C PRO C 129 43.21 -0.88 -4.87
N THR C 130 42.89 -2.18 -4.75
CA THR C 130 43.86 -3.27 -4.75
C THR C 130 43.39 -4.38 -5.70
N ILE C 131 44.21 -4.67 -6.74
CA ILE C 131 43.93 -5.67 -7.77
C ILE C 131 44.19 -7.08 -7.23
N PHE C 132 43.31 -8.04 -7.57
CA PHE C 132 43.43 -9.44 -7.20
C PHE C 132 43.11 -10.35 -8.38
N LEU C 133 44.14 -11.03 -8.90
CA LEU C 133 44.02 -11.95 -10.04
C LEU C 133 43.93 -13.41 -9.58
N PRO C 134 43.01 -14.23 -10.17
CA PRO C 134 42.90 -15.63 -9.72
C PRO C 134 44.06 -16.52 -10.17
N SER C 135 44.25 -17.66 -9.48
CA SER C 135 45.29 -18.65 -9.76
C SER C 135 45.03 -19.42 -11.05
N ILE C 136 46.07 -20.07 -11.59
CA ILE C 136 46.03 -20.88 -12.83
C ILE C 136 45.13 -22.12 -12.70
N ALA C 137 45.03 -22.70 -11.49
CA ALA C 137 44.23 -23.89 -11.19
C ALA C 137 42.73 -23.68 -11.39
N GLU C 138 42.23 -22.47 -11.07
CA GLU C 138 40.81 -22.11 -11.19
C GLU C 138 40.41 -21.74 -12.63
N THR C 139 41.33 -21.07 -13.36
CA THR C 139 41.10 -20.62 -14.73
C THR C 139 41.22 -21.74 -15.78
N LYS C 140 41.98 -22.81 -15.48
CA LYS C 140 42.19 -23.94 -16.40
C LYS C 140 41.21 -25.10 -16.21
N LEU C 141 41.01 -25.54 -14.95
CA LEU C 141 40.12 -26.66 -14.63
C LEU C 141 38.64 -26.31 -14.74
N GLN C 142 38.20 -25.24 -14.04
CA GLN C 142 36.81 -24.78 -14.03
C GLN C 142 36.44 -23.95 -15.27
N LYS C 143 37.46 -23.45 -16.01
CA LYS C 143 37.35 -22.63 -17.23
C LYS C 143 36.60 -21.29 -17.00
N ALA C 144 36.58 -20.82 -15.73
CA ALA C 144 35.94 -19.57 -15.31
C ALA C 144 36.80 -18.84 -14.28
N GLY C 145 37.15 -17.60 -14.59
CA GLY C 145 37.98 -16.75 -13.74
C GLY C 145 37.20 -15.94 -12.73
N THR C 146 37.81 -15.66 -11.57
CA THR C 146 37.21 -14.88 -10.49
C THR C 146 38.14 -13.74 -10.06
N TYR C 147 37.83 -12.51 -10.51
CA TYR C 147 38.59 -11.30 -10.18
C TYR C 147 37.96 -10.57 -9.00
N LEU C 148 38.79 -10.22 -8.00
CA LEU C 148 38.36 -9.54 -6.78
C LEU C 148 38.93 -8.12 -6.68
N CYS C 149 38.13 -7.19 -6.12
CA CYS C 149 38.53 -5.80 -5.90
C CYS C 149 38.50 -5.48 -4.40
N LEU C 150 39.59 -4.88 -3.89
CA LEU C 150 39.71 -4.53 -2.47
C LEU C 150 39.77 -3.02 -2.28
N LEU C 151 38.80 -2.48 -1.52
CA LEU C 151 38.68 -1.06 -1.21
C LEU C 151 38.87 -0.81 0.29
N GLU C 152 39.69 0.19 0.64
CA GLU C 152 39.99 0.56 2.02
C GLU C 152 40.31 2.05 2.17
N LYS C 153 40.50 2.52 3.42
CA LYS C 153 40.83 3.90 3.83
C LYS C 153 39.75 4.93 3.42
N PHE C 154 38.48 4.64 3.79
CA PHE C 154 37.32 5.51 3.55
C PHE C 154 36.42 5.56 4.78
N PHE C 155 35.99 6.78 5.17
CA PHE C 155 35.14 6.99 6.35
C PHE C 155 33.61 7.08 6.05
N PRO C 156 33.10 7.76 4.98
CA PRO C 156 31.63 7.85 4.80
C PRO C 156 30.85 6.54 4.76
N ASP C 157 31.54 5.40 4.53
CA ASP C 157 31.07 3.99 4.47
C ASP C 157 29.96 3.71 3.43
N VAL C 158 29.29 4.74 2.90
CA VAL C 158 28.24 4.61 1.88
C VAL C 158 28.95 4.41 0.54
N ILE C 159 28.94 3.17 0.02
CA ILE C 159 29.62 2.79 -1.22
C ILE C 159 28.71 2.04 -2.20
N LYS C 160 29.04 2.10 -3.50
CA LYS C 160 28.34 1.43 -4.59
C LYS C 160 29.36 0.75 -5.50
N ILE C 161 29.27 -0.59 -5.63
CA ILE C 161 30.19 -1.39 -6.45
C ILE C 161 29.50 -1.89 -7.72
N HIS C 162 30.12 -1.63 -8.89
CA HIS C 162 29.61 -2.06 -10.20
C HIS C 162 30.69 -2.82 -10.97
N TRP C 163 30.30 -3.97 -11.55
CA TRP C 163 31.20 -4.81 -12.36
C TRP C 163 30.70 -4.80 -13.81
N GLN C 164 31.47 -4.18 -14.71
CA GLN C 164 31.12 -4.04 -16.13
C GLN C 164 32.13 -4.77 -17.05
N GLU C 165 32.37 -4.21 -18.25
CA GLU C 165 33.27 -4.72 -19.29
C GLU C 165 33.89 -3.51 -20.03
N LYS C 166 34.36 -3.69 -21.28
CA LYS C 166 34.91 -2.61 -22.11
C LYS C 166 33.74 -1.69 -22.52
N LYS C 167 32.56 -2.29 -22.77
CA LYS C 167 31.30 -1.61 -23.09
C LYS C 167 30.52 -1.52 -21.78
N SER C 168 30.21 -0.28 -21.34
CA SER C 168 29.52 0.01 -20.07
C SER C 168 28.10 -0.57 -19.96
N ASN C 169 28.00 -1.74 -19.29
CA ASN C 169 26.77 -2.49 -19.01
C ASN C 169 26.96 -3.33 -17.75
N THR C 170 26.02 -3.22 -16.79
CA THR C 170 26.07 -3.94 -15.51
C THR C 170 25.81 -5.44 -15.69
N ILE C 171 26.78 -6.27 -15.27
CA ILE C 171 26.71 -7.73 -15.37
C ILE C 171 26.02 -8.35 -14.17
N LEU C 172 25.19 -9.35 -14.41
CA LEU C 172 24.50 -10.06 -13.35
C LEU C 172 25.53 -10.93 -12.61
N GLY C 173 25.25 -11.27 -11.37
CA GLY C 173 26.15 -12.09 -10.59
C GLY C 173 27.24 -11.38 -9.80
N SER C 174 27.23 -10.05 -9.75
CA SER C 174 28.23 -9.33 -8.96
C SER C 174 28.02 -9.74 -7.50
N GLN C 175 29.10 -9.97 -6.76
CA GLN C 175 28.91 -10.44 -5.39
C GLN C 175 29.82 -9.66 -4.43
N GLU C 176 29.23 -9.13 -3.35
CA GLU C 176 29.93 -8.33 -2.33
C GLU C 176 29.67 -8.82 -0.90
N GLY C 177 30.60 -8.49 0.00
CA GLY C 177 30.53 -8.85 1.41
C GLY C 177 29.92 -7.77 2.28
N ASN C 178 30.61 -7.41 3.37
CA ASN C 178 30.17 -6.39 4.33
C ASN C 178 31.26 -5.35 4.58
N THR C 179 30.84 -4.10 4.90
CA THR C 179 31.74 -2.99 5.18
C THR C 179 32.34 -3.16 6.58
N MET C 180 33.61 -3.62 6.63
CA MET C 180 34.35 -3.89 7.87
C MET C 180 34.92 -2.60 8.47
N LYS C 181 34.81 -2.44 9.81
CA LYS C 181 35.31 -1.27 10.53
C LYS C 181 36.72 -1.53 11.10
N THR C 182 37.70 -0.71 10.66
CA THR C 182 39.09 -0.81 11.09
C THR C 182 39.59 0.52 11.67
N ASN C 183 39.95 0.52 12.97
CA ASN C 183 40.44 1.65 13.78
C ASN C 183 39.45 2.83 13.83
N ASP C 184 39.35 3.60 12.73
CA ASP C 184 38.46 4.76 12.59
C ASP C 184 37.85 4.82 11.17
N THR C 185 38.48 4.10 10.22
CA THR C 185 38.07 4.03 8.81
C THR C 185 37.30 2.73 8.50
N TYR C 186 36.90 2.52 7.22
CA TYR C 186 36.16 1.35 6.76
C TYR C 186 36.80 0.67 5.54
N MET C 187 36.48 -0.63 5.32
CA MET C 187 36.99 -1.43 4.21
C MET C 187 35.98 -2.47 3.73
N LYS C 188 35.72 -2.52 2.40
CA LYS C 188 34.78 -3.46 1.78
C LYS C 188 35.39 -4.13 0.53
N PHE C 189 35.00 -5.40 0.28
CA PHE C 189 35.48 -6.19 -0.85
C PHE C 189 34.35 -6.76 -1.72
N SER C 190 34.62 -6.96 -3.02
CA SER C 190 33.67 -7.51 -3.99
C SER C 190 34.38 -8.31 -5.10
N TRP C 191 33.67 -9.27 -5.72
CA TRP C 191 34.21 -10.12 -6.78
C TRP C 191 33.20 -10.44 -7.89
N LEU C 192 33.70 -10.96 -9.03
CA LEU C 192 32.89 -11.34 -10.20
C LEU C 192 33.44 -12.62 -10.84
N THR C 193 32.54 -13.59 -11.10
CA THR C 193 32.86 -14.87 -11.73
C THR C 193 32.31 -14.87 -13.16
N VAL C 194 33.20 -14.82 -14.15
CA VAL C 194 32.84 -14.78 -15.58
C VAL C 194 33.09 -16.13 -16.28
N PRO C 195 32.16 -16.62 -17.12
CA PRO C 195 32.39 -17.92 -17.81
C PRO C 195 33.35 -17.82 -18.99
N GLU C 196 33.51 -18.94 -19.74
CA GLU C 196 34.41 -19.06 -20.90
C GLU C 196 34.04 -18.13 -22.08
N GLU C 197 32.76 -17.73 -22.21
CA GLU C 197 32.25 -16.86 -23.27
C GLU C 197 32.85 -15.44 -23.21
N SER C 198 32.94 -14.86 -22.00
CA SER C 198 33.49 -13.52 -21.77
C SER C 198 34.86 -13.56 -21.05
N LEU C 199 35.58 -14.70 -21.16
CA LEU C 199 36.89 -14.94 -20.56
C LEU C 199 37.99 -14.12 -21.25
N ASP C 200 37.81 -13.83 -22.55
CA ASP C 200 38.75 -13.05 -23.37
C ASP C 200 38.52 -11.53 -23.23
N LYS C 201 37.28 -11.13 -22.87
CA LYS C 201 36.89 -9.73 -22.69
C LYS C 201 37.50 -9.10 -21.45
N GLU C 202 37.98 -7.85 -21.58
CA GLU C 202 38.60 -7.06 -20.50
C GLU C 202 37.50 -6.41 -19.66
N HIS C 203 37.31 -6.91 -18.42
CA HIS C 203 36.30 -6.41 -17.49
C HIS C 203 36.80 -5.26 -16.64
N ARG C 204 35.95 -4.23 -16.46
CA ARG C 204 36.26 -3.03 -15.69
C ARG C 204 35.29 -2.86 -14.52
N CYS C 205 35.83 -2.53 -13.34
CA CYS C 205 35.07 -2.33 -12.10
C CYS C 205 35.02 -0.84 -11.73
N ILE C 206 33.81 -0.27 -11.60
CA ILE C 206 33.61 1.14 -11.24
C ILE C 206 32.98 1.27 -9.85
N VAL C 207 33.59 2.11 -9.00
CA VAL C 207 33.17 2.34 -7.61
C VAL C 207 32.71 3.80 -7.41
N ARG C 208 31.48 3.98 -6.87
CA ARG C 208 30.89 5.29 -6.58
C ARG C 208 31.06 5.63 -5.09
N HIS C 209 31.62 6.82 -4.81
CA HIS C 209 31.87 7.36 -3.46
C HIS C 209 31.92 8.89 -3.50
N GLU C 210 31.64 9.55 -2.36
CA GLU C 210 31.65 11.01 -2.23
C GLU C 210 33.05 11.59 -2.42
N ASN C 211 34.06 11.01 -1.74
CA ASN C 211 35.44 11.48 -1.80
C ASN C 211 36.28 10.77 -2.88
N ASN C 212 35.77 10.75 -4.12
CA ASN C 212 36.46 10.17 -5.27
C ASN C 212 37.41 11.21 -5.88
N LYS C 213 38.51 10.74 -6.50
CA LYS C 213 39.52 11.60 -7.12
C LYS C 213 38.97 12.47 -8.24
N ASN C 214 39.35 13.77 -8.24
CA ASN C 214 38.97 14.83 -9.21
C ASN C 214 37.47 15.18 -9.22
N GLY C 215 36.69 14.54 -8.35
CA GLY C 215 35.24 14.74 -8.25
C GLY C 215 34.44 13.66 -8.95
N VAL C 216 34.90 13.26 -10.15
CA VAL C 216 34.27 12.21 -10.98
C VAL C 216 34.46 10.81 -10.38
N ASP C 217 33.64 9.84 -10.83
CA ASP C 217 33.63 8.44 -10.38
C ASP C 217 34.98 7.72 -10.58
N GLN C 218 35.32 6.81 -9.64
CA GLN C 218 36.56 6.04 -9.65
C GLN C 218 36.45 4.82 -10.57
N GLU C 219 37.50 4.57 -11.38
CA GLU C 219 37.56 3.44 -12.32
C GLU C 219 38.75 2.52 -12.05
N ILE C 220 38.47 1.22 -11.95
CA ILE C 220 39.47 0.16 -11.70
C ILE C 220 39.43 -0.82 -12.88
N ILE C 221 40.60 -1.07 -13.49
CA ILE C 221 40.74 -1.95 -14.67
C ILE C 221 41.34 -3.32 -14.30
N PHE C 222 40.77 -4.40 -14.87
CA PHE C 222 41.21 -5.78 -14.66
C PHE C 222 41.57 -6.45 -16.00
N PRO C 223 42.83 -6.93 -16.18
CA PRO C 223 43.19 -7.57 -17.47
C PRO C 223 42.66 -9.01 -17.59
N PRO C 224 42.32 -9.49 -18.82
CA PRO C 224 41.83 -10.88 -18.93
C PRO C 224 42.95 -11.92 -18.95
N GLN D 2 -3.22 9.21 12.65
CA GLN D 2 -2.71 8.49 11.49
C GLN D 2 -1.37 7.80 11.82
N LYS D 3 -1.39 6.46 11.90
CA LYS D 3 -0.21 5.64 12.20
C LYS D 3 -0.32 4.25 11.57
N VAL D 4 0.82 3.72 11.10
CA VAL D 4 0.91 2.39 10.47
C VAL D 4 1.84 1.50 11.29
N THR D 5 1.31 0.36 11.79
CA THR D 5 2.05 -0.58 12.63
C THR D 5 2.38 -1.89 11.90
N GLN D 6 3.67 -2.28 11.94
CA GLN D 6 4.17 -3.52 11.34
C GLN D 6 4.86 -4.35 12.42
N ALA D 7 4.12 -5.36 12.94
CA ALA D 7 4.57 -6.27 14.00
C ALA D 7 5.75 -7.15 13.59
N GLN D 8 5.76 -7.61 12.32
CA GLN D 8 6.82 -8.46 11.77
C GLN D 8 8.08 -7.64 11.50
N SER D 9 9.20 -8.00 12.15
CA SER D 9 10.48 -7.32 12.02
C SER D 9 11.39 -8.04 11.01
N SER D 10 11.51 -9.38 11.14
CA SER D 10 12.33 -10.22 10.26
C SER D 10 11.60 -11.53 9.94
N VAL D 11 11.48 -11.84 8.63
CA VAL D 11 10.81 -13.06 8.14
C VAL D 11 11.76 -13.83 7.21
N SER D 12 11.97 -15.13 7.50
CA SER D 12 12.81 -16.02 6.71
C SER D 12 11.93 -17.06 6.00
N MET D 13 11.98 -17.09 4.66
CA MET D 13 11.16 -17.99 3.85
C MET D 13 11.92 -18.61 2.65
N PRO D 14 11.69 -19.89 2.31
CA PRO D 14 12.40 -20.49 1.16
C PRO D 14 11.80 -20.09 -0.19
N VAL D 15 12.57 -20.29 -1.28
CA VAL D 15 12.20 -19.97 -2.67
C VAL D 15 11.02 -20.84 -3.15
N ARG D 16 10.21 -20.31 -4.10
CA ARG D 16 9.02 -20.90 -4.75
C ARG D 16 7.76 -20.93 -3.87
N LYS D 17 7.92 -20.77 -2.53
CA LYS D 17 6.83 -20.76 -1.57
C LYS D 17 6.08 -19.40 -1.53
N ALA D 18 5.11 -19.24 -0.60
CA ALA D 18 4.32 -18.02 -0.43
C ALA D 18 4.58 -17.38 0.93
N VAL D 19 4.61 -16.03 0.98
CA VAL D 19 4.85 -15.28 2.21
C VAL D 19 3.81 -14.15 2.37
N THR D 20 3.14 -14.11 3.54
CA THR D 20 2.11 -13.13 3.88
C THR D 20 2.66 -12.15 4.92
N LEU D 21 2.59 -10.83 4.63
CA LEU D 21 3.08 -9.78 5.51
C LEU D 21 1.91 -8.96 6.07
N ASN D 22 1.48 -9.29 7.30
CA ASN D 22 0.36 -8.64 7.97
C ASN D 22 0.71 -7.23 8.43
N CYS D 23 -0.03 -6.23 7.91
CA CYS D 23 0.15 -4.81 8.23
C CYS D 23 -1.14 -4.23 8.81
N LEU D 24 -1.03 -3.52 9.94
CA LEU D 24 -2.15 -2.88 10.64
C LEU D 24 -2.06 -1.36 10.54
N TYR D 25 -3.21 -0.69 10.35
CA TYR D 25 -3.27 0.76 10.23
C TYR D 25 -4.40 1.39 11.06
N GLU D 26 -4.14 2.59 11.60
CA GLU D 26 -5.12 3.37 12.38
C GLU D 26 -5.33 4.76 11.76
N THR D 27 -6.49 4.97 11.13
CA THR D 27 -6.82 6.24 10.47
C THR D 27 -8.30 6.64 10.66
N SER D 28 -8.70 7.83 10.15
CA SER D 28 -10.05 8.38 10.31
C SER D 28 -10.77 8.76 9.00
N TRP D 29 -10.04 8.93 7.86
CA TRP D 29 -10.67 9.31 6.59
C TRP D 29 -11.62 8.26 6.02
N TRP D 30 -12.63 8.70 5.24
CA TRP D 30 -13.61 7.84 4.59
C TRP D 30 -12.96 7.20 3.35
N SER D 31 -12.35 8.03 2.49
CA SER D 31 -11.69 7.60 1.26
C SER D 31 -10.17 7.76 1.42
N TYR D 32 -9.42 6.65 1.25
CA TYR D 32 -7.96 6.60 1.40
C TYR D 32 -7.31 5.51 0.53
N TYR D 33 -5.96 5.54 0.42
CA TYR D 33 -5.16 4.58 -0.32
C TYR D 33 -4.10 3.93 0.57
N ILE D 34 -3.72 2.68 0.25
CA ILE D 34 -2.69 1.91 0.95
C ILE D 34 -1.61 1.53 -0.07
N PHE D 35 -0.38 2.00 0.15
CA PHE D 35 0.76 1.76 -0.72
C PHE D 35 1.77 0.79 -0.12
N TRP D 36 2.21 -0.18 -0.92
CA TRP D 36 3.21 -1.16 -0.51
C TRP D 36 4.52 -0.90 -1.27
N TYR D 37 5.64 -0.79 -0.54
CA TYR D 37 6.95 -0.49 -1.13
C TYR D 37 8.02 -1.54 -0.82
N LYS D 38 8.96 -1.72 -1.75
CA LYS D 38 10.10 -2.63 -1.61
C LYS D 38 11.39 -1.80 -1.65
N GLN D 39 12.06 -1.67 -0.50
CA GLN D 39 13.31 -0.93 -0.37
C GLN D 39 14.49 -1.90 -0.46
N LEU D 40 15.21 -1.87 -1.60
CA LEU D 40 16.38 -2.70 -1.88
C LEU D 40 17.55 -2.32 -0.95
N PRO D 41 18.49 -3.25 -0.62
CA PRO D 41 19.62 -2.89 0.25
C PRO D 41 20.51 -1.76 -0.28
N SER D 42 20.37 -1.44 -1.59
CA SER D 42 21.09 -0.37 -2.27
C SER D 42 20.30 0.96 -2.22
N LYS D 43 19.43 1.12 -1.19
CA LYS D 43 18.56 2.28 -0.90
C LYS D 43 17.53 2.58 -2.02
N GLU D 44 17.21 1.58 -2.85
CA GLU D 44 16.27 1.75 -3.96
C GLU D 44 14.81 1.46 -3.55
N MET D 45 13.99 2.53 -3.45
CA MET D 45 12.57 2.45 -3.10
C MET D 45 11.75 2.18 -4.37
N ILE D 46 10.97 1.07 -4.39
CA ILE D 46 10.17 0.68 -5.55
C ILE D 46 8.72 0.39 -5.18
N PHE D 47 7.78 0.98 -5.96
CA PHE D 47 6.34 0.81 -5.80
C PHE D 47 5.95 -0.58 -6.30
N LEU D 48 5.06 -1.27 -5.57
CA LEU D 48 4.60 -2.61 -5.93
C LEU D 48 3.10 -2.67 -6.25
N ILE D 49 2.26 -2.26 -5.29
CA ILE D 49 0.79 -2.31 -5.40
C ILE D 49 0.12 -1.14 -4.63
N ARG D 50 -1.13 -0.80 -5.04
CA ARG D 50 -1.95 0.25 -4.44
C ARG D 50 -3.34 -0.32 -4.13
N GLN D 51 -3.86 -0.05 -2.91
CA GLN D 51 -5.16 -0.53 -2.47
C GLN D 51 -6.07 0.61 -2.00
N GLY D 52 -7.16 0.82 -2.74
CA GLY D 52 -8.16 1.84 -2.44
C GLY D 52 -9.14 1.40 -1.37
N SER D 53 -9.72 2.38 -0.65
CA SER D 53 -10.68 2.15 0.43
C SER D 53 -11.97 1.47 -0.05
N ASP D 54 -12.55 1.98 -1.16
CA ASP D 54 -13.78 1.45 -1.76
C ASP D 54 -13.49 0.47 -2.91
N GLU D 55 -12.20 0.10 -3.08
CA GLU D 55 -11.74 -0.81 -4.13
C GLU D 55 -11.66 -2.27 -3.69
N GLN D 56 -11.81 -3.19 -4.67
CA GLN D 56 -11.73 -4.66 -4.50
C GLN D 56 -10.25 -5.05 -4.42
N ASN D 57 -9.95 -6.13 -3.65
CA ASN D 57 -8.61 -6.69 -3.43
C ASN D 57 -7.71 -6.66 -4.67
N ALA D 58 -6.70 -5.76 -4.65
CA ALA D 58 -5.78 -5.52 -5.74
C ALA D 58 -4.81 -6.68 -6.00
N LYS D 59 -4.50 -6.92 -7.28
CA LYS D 59 -3.59 -7.96 -7.75
C LYS D 59 -2.72 -7.41 -8.88
N SER D 60 -1.40 -7.35 -8.66
CA SER D 60 -0.44 -6.82 -9.63
C SER D 60 0.66 -7.88 -9.92
N GLY D 61 0.26 -8.91 -10.66
CA GLY D 61 1.13 -10.02 -11.03
C GLY D 61 1.34 -10.99 -9.88
N ARG D 62 2.56 -11.01 -9.33
CA ARG D 62 2.95 -11.87 -8.20
C ARG D 62 2.40 -11.36 -6.87
N TYR D 63 2.15 -10.04 -6.78
CA TYR D 63 1.67 -9.36 -5.56
C TYR D 63 0.15 -9.25 -5.50
N SER D 64 -0.43 -9.58 -4.32
CA SER D 64 -1.87 -9.53 -4.05
C SER D 64 -2.13 -9.19 -2.57
N VAL D 65 -2.98 -8.17 -2.32
CA VAL D 65 -3.31 -7.69 -0.97
C VAL D 65 -4.70 -8.14 -0.53
N ASN D 66 -4.78 -8.80 0.64
CA ASN D 66 -6.04 -9.24 1.24
C ASN D 66 -6.50 -8.09 2.15
N PHE D 67 -7.39 -7.24 1.62
CA PHE D 67 -7.91 -6.06 2.30
C PHE D 67 -9.08 -6.37 3.23
N LYS D 68 -8.92 -6.04 4.52
CA LYS D 68 -9.94 -6.19 5.56
C LYS D 68 -10.27 -4.78 6.05
N LYS D 69 -11.42 -4.24 5.61
CA LYS D 69 -11.88 -2.88 5.91
C LYS D 69 -12.20 -2.65 7.39
N ALA D 70 -13.09 -3.49 7.98
CA ALA D 70 -13.51 -3.39 9.38
C ALA D 70 -12.39 -3.73 10.36
N ALA D 71 -11.57 -4.75 10.02
CA ALA D 71 -10.45 -5.21 10.84
C ALA D 71 -9.21 -4.31 10.71
N LYS D 72 -9.16 -3.47 9.64
CA LYS D 72 -8.07 -2.53 9.31
C LYS D 72 -6.74 -3.28 9.09
N SER D 73 -6.79 -4.33 8.25
CA SER D 73 -5.65 -5.17 7.88
C SER D 73 -5.40 -5.11 6.38
N VAL D 74 -4.12 -5.00 5.98
CA VAL D 74 -3.68 -4.89 4.58
C VAL D 74 -2.58 -5.91 4.25
N ALA D 75 -2.81 -7.20 4.59
CA ALA D 75 -1.86 -8.29 4.38
C ALA D 75 -1.51 -8.56 2.91
N LEU D 76 -0.22 -8.40 2.56
CA LEU D 76 0.32 -8.62 1.21
C LEU D 76 0.88 -10.04 1.08
N THR D 77 0.38 -10.79 0.08
CA THR D 77 0.80 -12.17 -0.18
C THR D 77 1.50 -12.28 -1.54
N ILE D 78 2.68 -12.92 -1.54
CA ILE D 78 3.49 -13.14 -2.75
C ILE D 78 3.15 -14.54 -3.31
N SER D 79 2.75 -14.59 -4.60
CA SER D 79 2.37 -15.80 -5.32
C SER D 79 3.50 -16.84 -5.40
N ALA D 80 4.70 -16.40 -5.83
CA ALA D 80 5.89 -17.25 -5.96
C ALA D 80 7.12 -16.46 -5.55
N LEU D 81 7.90 -16.99 -4.59
CA LEU D 81 9.12 -16.36 -4.10
C LEU D 81 10.29 -16.50 -5.06
N GLN D 82 11.20 -15.49 -5.06
CA GLN D 82 12.39 -15.44 -5.92
C GLN D 82 13.65 -15.06 -5.13
N LEU D 83 14.81 -15.00 -5.82
CA LEU D 83 16.11 -14.65 -5.25
C LEU D 83 16.19 -13.13 -4.96
N GLU D 84 15.69 -12.30 -5.89
CA GLU D 84 15.69 -10.83 -5.80
C GLU D 84 14.74 -10.25 -4.75
N ASP D 85 13.86 -11.10 -4.16
CA ASP D 85 12.87 -10.70 -3.14
C ASP D 85 13.48 -10.26 -1.80
N SER D 86 14.77 -10.62 -1.54
CA SER D 86 15.48 -10.26 -0.31
C SER D 86 15.72 -8.76 -0.17
N ALA D 87 14.73 -8.06 0.43
CA ALA D 87 14.72 -6.60 0.66
C ALA D 87 13.74 -6.23 1.77
N LYS D 88 13.85 -4.99 2.30
CA LYS D 88 12.97 -4.47 3.35
C LYS D 88 11.65 -4.00 2.74
N TYR D 89 10.51 -4.43 3.33
CA TYR D 89 9.16 -4.08 2.86
C TYR D 89 8.51 -2.99 3.71
N PHE D 90 7.88 -2.01 3.06
CA PHE D 90 7.23 -0.88 3.73
C PHE D 90 5.73 -0.80 3.46
N CYS D 91 4.97 -0.38 4.48
CA CYS D 91 3.51 -0.24 4.47
C CYS D 91 3.18 1.25 4.64
N ALA D 92 2.56 1.86 3.61
CA ALA D 92 2.21 3.30 3.58
C ALA D 92 0.71 3.61 3.50
N LEU D 93 0.33 4.80 4.01
CA LEU D 93 -1.05 5.28 4.05
C LEU D 93 -1.15 6.67 3.40
N GLY D 94 -2.02 6.78 2.40
CA GLY D 94 -2.25 8.02 1.65
C GLY D 94 -3.71 8.42 1.57
N VAL D 95 -3.95 9.70 1.26
CA VAL D 95 -5.30 10.29 1.11
C VAL D 95 -5.86 10.12 -0.30
N ARG D 96 -7.19 10.27 -0.44
CA ARG D 96 -7.88 10.18 -1.73
C ARG D 96 -8.46 11.56 -2.09
N ALA D 97 -7.64 12.39 -2.76
CA ALA D 97 -8.00 13.74 -3.19
C ALA D 97 -8.20 13.77 -4.71
N PHE D 98 -9.02 14.73 -5.18
CA PHE D 98 -9.38 14.88 -6.60
C PHE D 98 -9.12 16.31 -7.07
N LEU D 99 -7.83 16.66 -7.16
CA LEU D 99 -7.31 17.97 -7.59
C LEU D 99 -5.83 17.80 -7.97
N ARG D 100 -5.10 18.93 -8.15
CA ARG D 100 -3.67 18.92 -8.46
C ARG D 100 -2.91 18.47 -7.21
N ASP D 101 -1.74 17.84 -7.38
CA ASP D 101 -0.93 17.31 -6.29
C ASP D 101 -0.20 18.40 -5.47
N TRP D 102 -0.95 19.36 -4.90
CA TRP D 102 -0.38 20.43 -4.06
C TRP D 102 0.05 19.84 -2.71
N GLY D 103 1.25 20.22 -2.27
CA GLY D 103 1.93 19.76 -1.05
C GLY D 103 1.09 19.57 0.19
N ILE D 104 0.40 18.40 0.28
CA ILE D 104 -0.47 17.99 1.39
C ILE D 104 -0.64 16.46 1.40
N ARG D 105 -0.51 15.81 0.22
CA ARG D 105 -0.63 14.36 0.04
C ARG D 105 0.63 13.70 0.61
N VAL D 106 0.65 13.53 1.93
CA VAL D 106 1.76 12.96 2.69
C VAL D 106 1.47 11.49 3.05
N LEU D 107 2.46 10.61 2.79
CA LEU D 107 2.34 9.18 3.09
C LEU D 107 2.78 8.88 4.53
N ILE D 108 1.96 8.12 5.26
CA ILE D 108 2.23 7.71 6.63
C ILE D 108 2.79 6.27 6.56
N PHE D 109 4.12 6.13 6.74
CA PHE D 109 4.82 4.85 6.67
C PHE D 109 4.75 4.02 7.95
N GLY D 110 5.35 2.83 7.91
CA GLY D 110 5.43 1.89 9.04
C GLY D 110 6.85 1.56 9.45
N LYS D 111 7.00 0.71 10.49
CA LYS D 111 8.28 0.27 11.04
C LYS D 111 9.17 -0.46 10.02
N GLY D 112 8.55 -1.31 9.21
CA GLY D 112 9.24 -2.09 8.18
C GLY D 112 9.42 -3.55 8.52
N THR D 113 9.48 -4.40 7.47
CA THR D 113 9.66 -5.84 7.61
C THR D 113 10.83 -6.32 6.73
N ARG D 114 11.87 -6.88 7.38
CA ARG D 114 13.05 -7.39 6.69
C ARG D 114 12.81 -8.81 6.19
N VAL D 115 13.02 -9.04 4.88
CA VAL D 115 12.84 -10.35 4.25
C VAL D 115 14.19 -10.89 3.77
N THR D 116 14.58 -12.08 4.28
CA THR D 116 15.81 -12.77 3.92
C THR D 116 15.45 -14.14 3.34
N VAL D 117 15.40 -14.23 2.00
CA VAL D 117 15.03 -15.45 1.28
C VAL D 117 16.20 -16.44 1.27
N GLU D 118 16.02 -17.58 1.97
CA GLU D 118 17.00 -18.66 2.04
C GLU D 118 16.84 -19.59 0.83
N PRO D 119 17.93 -20.25 0.32
CA PRO D 119 17.78 -21.12 -0.86
C PRO D 119 16.85 -22.31 -0.66
N ARG D 120 16.14 -22.70 -1.72
CA ARG D 120 15.17 -23.80 -1.74
C ARG D 120 15.83 -25.18 -1.59
N SER D 121 15.00 -26.25 -1.48
CA SER D 121 15.43 -27.64 -1.33
C SER D 121 16.25 -28.11 -2.53
N GLN D 122 17.58 -28.01 -2.42
CA GLN D 122 18.54 -28.39 -3.44
C GLN D 122 19.51 -29.49 -2.95
N PRO D 123 20.01 -30.40 -3.82
CA PRO D 123 20.93 -31.44 -3.34
C PRO D 123 22.32 -30.91 -2.99
N HIS D 124 23.09 -31.71 -2.21
CA HIS D 124 24.45 -31.37 -1.77
C HIS D 124 25.44 -31.29 -2.93
N THR D 125 26.31 -30.25 -2.90
CA THR D 125 27.33 -29.99 -3.91
C THR D 125 28.71 -29.91 -3.27
N LYS D 126 29.73 -30.49 -3.94
CA LYS D 126 31.12 -30.52 -3.48
C LYS D 126 31.76 -29.11 -3.53
N PRO D 127 32.33 -28.61 -2.40
CA PRO D 127 32.93 -27.27 -2.43
C PRO D 127 34.34 -27.23 -3.03
N SER D 128 34.57 -26.29 -3.97
CA SER D 128 35.85 -26.10 -4.63
C SER D 128 36.58 -24.89 -4.05
N VAL D 129 37.79 -25.10 -3.52
CA VAL D 129 38.60 -24.05 -2.90
C VAL D 129 39.67 -23.50 -3.84
N PHE D 130 39.70 -22.17 -4.03
CA PHE D 130 40.64 -21.44 -4.88
C PHE D 130 41.34 -20.35 -4.07
N VAL D 131 42.57 -19.95 -4.48
CA VAL D 131 43.35 -18.92 -3.77
C VAL D 131 43.85 -17.81 -4.71
N MET D 132 44.00 -16.58 -4.15
CA MET D 132 44.49 -15.37 -4.83
C MET D 132 45.19 -14.45 -3.82
N LYS D 133 46.25 -13.74 -4.24
CA LYS D 133 47.01 -12.86 -3.35
C LYS D 133 47.61 -11.62 -4.01
N ASN D 134 47.83 -10.56 -3.21
CA ASN D 134 48.44 -9.28 -3.60
C ASN D 134 49.21 -8.71 -2.41
N GLY D 135 50.54 -8.84 -2.45
CA GLY D 135 51.45 -8.35 -1.42
C GLY D 135 51.28 -8.98 -0.05
N THR D 136 50.51 -8.30 0.83
CA THR D 136 50.25 -8.73 2.20
C THR D 136 48.87 -9.41 2.35
N ASN D 137 47.85 -8.93 1.60
CA ASN D 137 46.49 -9.47 1.66
C ASN D 137 46.32 -10.70 0.76
N VAL D 138 45.79 -11.79 1.33
CA VAL D 138 45.53 -13.07 0.66
C VAL D 138 44.04 -13.43 0.81
N ALA D 139 43.38 -13.82 -0.30
CA ALA D 139 41.96 -14.18 -0.31
C ALA D 139 41.73 -15.61 -0.82
N CYS D 140 40.75 -16.32 -0.21
CA CYS D 140 40.38 -17.68 -0.57
C CYS D 140 38.90 -17.73 -0.99
N LEU D 141 38.62 -18.32 -2.18
CA LEU D 141 37.27 -18.41 -2.73
C LEU D 141 36.69 -19.83 -2.74
N VAL D 142 35.42 -19.96 -2.30
CA VAL D 142 34.66 -21.21 -2.26
C VAL D 142 33.41 -21.04 -3.13
N LYS D 143 33.17 -21.97 -4.06
CA LYS D 143 32.02 -21.91 -4.99
C LYS D 143 31.24 -23.21 -5.10
N GLU D 144 29.90 -23.10 -5.27
CA GLU D 144 28.91 -24.18 -5.44
C GLU D 144 28.96 -25.24 -4.32
N PHE D 145 28.18 -25.02 -3.26
CA PHE D 145 28.08 -25.91 -2.09
C PHE D 145 26.74 -25.75 -1.35
N TYR D 146 26.20 -26.87 -0.85
CA TYR D 146 24.95 -26.91 -0.09
C TYR D 146 25.12 -27.79 1.16
N PRO D 147 24.69 -27.35 2.37
CA PRO D 147 24.02 -26.08 2.71
C PRO D 147 25.00 -24.97 3.14
N LYS D 148 24.52 -24.03 3.97
CA LYS D 148 25.31 -22.90 4.49
C LYS D 148 26.35 -23.33 5.53
N ASP D 149 26.15 -24.50 6.17
CA ASP D 149 27.03 -25.06 7.19
C ASP D 149 28.43 -25.39 6.66
N ILE D 150 29.39 -24.48 6.91
CA ILE D 150 30.78 -24.61 6.48
C ILE D 150 31.73 -23.95 7.51
N ARG D 151 32.78 -24.67 7.92
CA ARG D 151 33.77 -24.20 8.88
C ARG D 151 35.10 -23.93 8.16
N ILE D 152 35.11 -22.84 7.35
CA ILE D 152 36.26 -22.41 6.56
C ILE D 152 37.38 -21.84 7.43
N ASN D 153 38.63 -22.32 7.20
CA ASN D 153 39.82 -21.91 7.94
C ASN D 153 41.05 -21.82 7.03
N LEU D 154 42.00 -20.95 7.40
CA LEU D 154 43.26 -20.75 6.68
C LEU D 154 44.44 -20.83 7.65
N VAL D 155 45.44 -21.66 7.30
CA VAL D 155 46.64 -21.88 8.14
C VAL D 155 47.75 -20.89 7.73
N SER D 156 48.25 -20.13 8.71
CA SER D 156 49.31 -19.14 8.52
C SER D 156 50.40 -19.26 9.59
N SER D 157 51.66 -18.95 9.21
CA SER D 157 52.83 -19.00 10.10
C SER D 157 52.75 -17.89 11.16
N LYS D 158 52.31 -16.69 10.75
CA LYS D 158 52.14 -15.52 11.60
C LYS D 158 51.02 -14.64 11.03
N LYS D 159 49.90 -14.52 11.79
CA LYS D 159 48.73 -13.74 11.38
C LYS D 159 48.64 -12.41 12.12
N ILE D 160 48.23 -11.35 11.41
CA ILE D 160 48.07 -10.00 11.96
C ILE D 160 46.59 -9.74 12.29
N THR D 161 45.70 -9.85 11.27
CA THR D 161 44.26 -9.64 11.41
C THR D 161 43.47 -10.56 10.44
N GLU D 162 42.45 -11.23 10.98
CA GLU D 162 41.58 -12.14 10.22
C GLU D 162 40.16 -11.58 10.17
N PHE D 163 39.63 -11.36 8.96
CA PHE D 163 38.29 -10.83 8.74
C PHE D 163 37.24 -11.93 8.57
N ASP D 164 36.07 -11.76 9.22
CA ASP D 164 34.95 -12.70 9.21
C ASP D 164 34.39 -12.94 7.80
N PRO D 165 34.08 -14.19 7.40
CA PRO D 165 33.56 -14.42 6.04
C PRO D 165 32.05 -14.21 5.89
N ALA D 166 31.66 -13.34 4.94
CA ALA D 166 30.28 -13.06 4.61
C ALA D 166 29.83 -14.01 3.50
N ILE D 167 28.72 -14.72 3.72
CA ILE D 167 28.21 -15.71 2.77
C ILE D 167 27.10 -15.14 1.89
N VAL D 168 27.19 -15.38 0.57
CA VAL D 168 26.21 -14.91 -0.43
C VAL D 168 25.70 -16.07 -1.30
N ILE D 169 24.43 -15.98 -1.74
CA ILE D 169 23.79 -17.00 -2.56
C ILE D 169 24.14 -16.83 -4.05
N SER D 170 24.59 -17.92 -4.69
CA SER D 170 24.95 -17.96 -6.12
C SER D 170 23.70 -18.26 -6.98
N PRO D 171 23.57 -17.69 -8.21
CA PRO D 171 22.37 -17.98 -9.02
C PRO D 171 22.26 -19.41 -9.58
N SER D 172 23.33 -20.22 -9.45
CA SER D 172 23.39 -21.61 -9.92
C SER D 172 22.44 -22.53 -9.14
N GLY D 173 22.27 -22.26 -7.85
CA GLY D 173 21.40 -23.01 -6.95
C GLY D 173 22.10 -23.52 -5.70
N LYS D 174 23.11 -22.75 -5.22
CA LYS D 174 23.90 -23.07 -4.02
C LYS D 174 24.49 -21.79 -3.39
N TYR D 175 25.37 -21.96 -2.37
CA TYR D 175 26.02 -20.87 -1.66
C TYR D 175 27.43 -20.56 -2.21
N ASN D 176 27.95 -19.36 -1.91
CA ASN D 176 29.27 -18.89 -2.33
C ASN D 176 29.90 -18.07 -1.20
N ALA D 177 31.11 -18.45 -0.77
CA ALA D 177 31.82 -17.77 0.33
C ALA D 177 33.27 -17.43 0.00
N VAL D 178 33.69 -16.21 0.36
CA VAL D 178 35.06 -15.69 0.16
C VAL D 178 35.58 -15.07 1.47
N LYS D 179 36.72 -15.57 1.97
CA LYS D 179 37.37 -15.10 3.20
C LYS D 179 38.77 -14.55 2.91
N LEU D 180 39.16 -13.47 3.61
CA LEU D 180 40.47 -12.83 3.43
C LEU D 180 41.07 -12.26 4.74
N GLY D 181 42.32 -11.83 4.66
CA GLY D 181 43.07 -11.26 5.77
C GLY D 181 44.48 -10.84 5.39
N LYS D 182 45.15 -10.10 6.29
CA LYS D 182 46.52 -9.62 6.08
C LYS D 182 47.53 -10.62 6.68
N TYR D 183 48.49 -11.07 5.86
CA TYR D 183 49.52 -12.03 6.27
C TYR D 183 50.93 -11.59 5.90
N GLU D 184 51.93 -12.00 6.70
CA GLU D 184 53.34 -11.71 6.47
C GLU D 184 53.89 -12.62 5.37
N ASP D 185 53.44 -13.88 5.34
CA ASP D 185 53.82 -14.89 4.34
C ASP D 185 53.09 -14.66 3.02
N SER D 186 53.78 -14.89 1.89
CA SER D 186 53.23 -14.69 0.55
C SER D 186 53.16 -15.96 -0.31
N ASN D 187 54.14 -16.87 -0.16
CA ASN D 187 54.21 -18.11 -0.93
C ASN D 187 53.80 -19.37 -0.16
N SER D 188 53.27 -19.21 1.08
CA SER D 188 52.85 -20.34 1.91
C SER D 188 51.48 -20.12 2.56
N VAL D 189 50.40 -20.53 1.86
CA VAL D 189 49.00 -20.43 2.31
C VAL D 189 48.21 -21.68 1.95
N THR D 190 47.62 -22.34 2.98
CA THR D 190 46.80 -23.55 2.83
C THR D 190 45.46 -23.40 3.56
N CYS D 191 44.39 -23.99 3.00
CA CYS D 191 43.04 -23.91 3.56
C CYS D 191 42.37 -25.26 3.75
N SER D 192 41.62 -25.41 4.86
CA SER D 192 40.87 -26.62 5.21
C SER D 192 39.43 -26.25 5.55
N VAL D 193 38.46 -26.89 4.85
CA VAL D 193 37.03 -26.63 5.03
C VAL D 193 36.29 -27.84 5.62
N GLN D 194 35.15 -27.59 6.31
CA GLN D 194 34.32 -28.63 6.91
C GLN D 194 32.86 -28.50 6.45
N HIS D 195 32.54 -29.17 5.33
CA HIS D 195 31.20 -29.19 4.72
C HIS D 195 30.87 -30.59 4.24
N ASP D 196 29.66 -31.08 4.60
CA ASP D 196 29.11 -32.42 4.27
C ASP D 196 30.03 -33.55 4.79
N ASN D 197 30.62 -33.35 5.99
CA ASN D 197 31.54 -34.25 6.71
C ASN D 197 32.82 -34.61 5.91
N LYS D 198 33.17 -33.79 4.90
CA LYS D 198 34.36 -33.98 4.05
C LYS D 198 35.28 -32.76 4.10
N THR D 199 36.60 -33.01 4.06
CA THR D 199 37.63 -31.97 4.09
C THR D 199 38.30 -31.84 2.71
N VAL D 200 38.30 -30.62 2.16
CA VAL D 200 38.91 -30.31 0.85
C VAL D 200 40.04 -29.29 1.04
N HIS D 201 41.27 -29.66 0.61
CA HIS D 201 42.46 -28.81 0.71
C HIS D 201 42.69 -28.02 -0.59
N SER D 202 43.53 -26.97 -0.52
CA SER D 202 43.88 -26.12 -1.67
C SER D 202 44.75 -26.84 -2.70
N THR D 203 45.49 -27.89 -2.26
CA THR D 203 46.39 -28.70 -3.11
C THR D 203 45.64 -29.77 -3.91
N ASP D 204 44.36 -30.04 -3.58
CA ASP D 204 43.51 -31.03 -4.25
C ASP D 204 43.26 -30.70 -5.73
N PHE D 205 43.05 -29.40 -6.04
CA PHE D 205 42.82 -28.91 -7.40
C PHE D 205 44.13 -28.60 -8.13
N GLU D 206 45.17 -28.18 -7.38
CA GLU D 206 46.50 -27.84 -7.89
C GLU D 206 47.24 -29.09 -8.37
#